data_6VGF
#
_entry.id   6VGF
#
_cell.length_a   76.059
_cell.length_b   125.041
_cell.length_c   126.961
_cell.angle_alpha   90.000
_cell.angle_beta   90.000
_cell.angle_gamma   90.000
#
_symmetry.space_group_name_H-M   'P 2 21 21'
#
loop_
_entity.id
_entity.type
_entity.pdbx_description
1 polymer 'Galactose-binding lectin'
2 non-polymer (2S,3R,4S,5R,6S)-2-(hydroxymethyl)-6-{[(2S,3R,4S,5S,6S)-3,4,5-trihydroxy-6-({[(1-{[(2R,3S,4S,5R,6R)-3,4,5-trihydroxy-6-{[(2R,3R,4S,5S,6R)-3,4,5-trihydroxy-6-({4-[({[(2S,3S,4S,5R,6S)-3,4,5-trihydroxy-6-{[(2S,3R,4S,5R,6R)-3,4,5-trihydroxy-6-(hydroxymethyl)tetrahydro-2H-pyran-2-yl]sulfanyl}tetrahydro-2H-pyran-2-yl]methyl}sulfanyl)methyl]-1H-1,2,3-triazol-1-yl}methyl)tetrahydro-2H-pyran-2-yl]oxy}tetrahydro-2H-pyran-2-yl]methyl}-1H-1,2,3-triazol-4-yl)methyl]sulfanyl}methyl)tetrahydro-2H-pyran-2-yl]sulfanyl}tetrahydro-2H-pyran-3,4,5-triol
3 non-polymer 'MANGANESE (II) ION'
4 non-polymer 'CALCIUM ION'
5 water water
#
_entity_poly.entity_id   1
_entity_poly.type   'polypeptide(L)'
_entity_poly.pdbx_seq_one_letter_code
;AETVSFNFNSFSEGNPAINFQGDVTVLSNGNIQLTNLNKVNSVGRVLYAMPVRIWSSATGNVASFLTSFSFEMKDIKDYD
PADGIIFFIAPEDTQIPAGSIGGGTLGVSDTKGAGHFVGVEFDTYSNSEYNDPPTDHVGIDVNSVDSVKTVPWNSVSGAV
VKVTVIYDSSTKTLSVAVTNDNGDITTIAQVVDLKAKLPERVKFGFSASGSLGGRQIHLIRSWSFTSTLITTTRRS
;
_entity_poly.pdbx_strand_id   A,B,C,D
#
loop_
_chem_comp.id
_chem_comp.type
_chem_comp.name
_chem_comp.formula
CA non-polymer 'CALCIUM ION' 'Ca 2'
MN non-polymer 'MANGANESE (II) ION' 'Mn 2'
WA3 non-polymer (2S,3R,4S,5R,6S)-2-(hydroxymethyl)-6-{[(2S,3R,4S,5S,6S)-3,4,5-trihydroxy-6-({[(1-{[(2R,3S,4S,5R,6R)-3,4,5-trihydroxy-6-{[(2R,3R,4S,5S,6R)-3,4,5-trihydroxy-6-({4-[({[(2S,3S,4S,5R,6S)-3,4,5-trihydroxy-6-{[(2S,3R,4S,5R,6R)-3,4,5-trihydroxy-6-(hydroxymethyl)tetrahydro-2H-pyran-2-yl]sulfanyl}tetrahydro-2H-pyran-2-yl]methyl}sulfanyl)methyl]-1H-1,2,3-triazol-1-yl}methyl)tetrahydro-2H-pyran-2-yl]oxy}tetrahydro-2H-pyran-2-yl]methyl}-1H-1,2,3-triazol-4-yl)methyl]sulfanyl}methyl)tetrahydro-2H-pyran-2-yl]sulfanyl}tetrahydro-2H-pyran-3,4,5-triol 'C42 H68 N6 O27 S4'
#
# COMPACT_ATOMS: atom_id res chain seq x y z
N ALA A 1 -14.37 3.70 6.55
CA ALA A 1 -14.58 3.76 5.10
C ALA A 1 -14.27 2.42 4.43
N GLU A 2 -14.92 2.17 3.29
CA GLU A 2 -14.77 0.93 2.53
C GLU A 2 -13.88 1.21 1.33
N THR A 3 -12.72 0.52 1.26
CA THR A 3 -11.74 0.72 0.21
C THR A 3 -11.42 -0.59 -0.53
N VAL A 4 -11.33 -0.49 -1.88
CA VAL A 4 -10.90 -1.55 -2.79
C VAL A 4 -9.57 -1.07 -3.39
N SER A 5 -8.49 -1.85 -3.20
CA SER A 5 -7.19 -1.47 -3.73
C SER A 5 -6.45 -2.66 -4.34
N PHE A 6 -5.89 -2.46 -5.54
CA PHE A 6 -5.13 -3.51 -6.21
C PHE A 6 -4.07 -2.90 -7.12
N ASN A 7 -3.09 -3.70 -7.51
CA ASN A 7 -2.01 -3.28 -8.37
C ASN A 7 -1.51 -4.47 -9.18
N PHE A 8 -1.53 -4.32 -10.51
CA PHE A 8 -1.02 -5.27 -11.48
C PHE A 8 0.14 -4.68 -12.24
N ASN A 9 1.33 -5.23 -12.03
CA ASN A 9 2.55 -4.83 -12.75
C ASN A 9 2.67 -5.68 -14.01
N SER A 10 1.96 -6.81 -14.01
CA SER A 10 1.88 -7.81 -15.05
C SER A 10 0.60 -8.61 -14.85
N PHE A 11 0.27 -9.46 -15.82
CA PHE A 11 -0.91 -10.30 -15.77
C PHE A 11 -0.55 -11.75 -16.08
N SER A 12 -1.44 -12.68 -15.74
CA SER A 12 -1.28 -14.10 -16.06
C SER A 12 -2.63 -14.78 -16.21
N GLU A 13 -2.67 -15.81 -17.06
CA GLU A 13 -3.83 -16.68 -17.24
C GLU A 13 -4.03 -17.43 -15.91
N GLY A 14 -5.27 -17.64 -15.51
CA GLY A 14 -5.49 -18.37 -14.25
C GLY A 14 -5.43 -17.51 -13.02
N ASN A 15 -5.13 -16.20 -13.18
CA ASN A 15 -5.17 -15.24 -12.07
C ASN A 15 -6.65 -15.06 -11.77
N PRO A 16 -7.15 -15.56 -10.63
CA PRO A 16 -8.59 -15.45 -10.35
C PRO A 16 -9.10 -14.01 -10.19
N ALA A 17 -8.18 -13.02 -10.07
CA ALA A 17 -8.54 -11.60 -9.92
C ALA A 17 -9.04 -10.96 -11.21
N ILE A 18 -8.79 -11.61 -12.39
CA ILE A 18 -9.14 -11.12 -13.70
C ILE A 18 -10.12 -12.06 -14.45
N ASN A 19 -11.26 -11.50 -14.90
CA ASN A 19 -12.23 -12.18 -15.76
C ASN A 19 -11.88 -11.84 -17.19
N PHE A 20 -11.61 -12.87 -18.01
CA PHE A 20 -11.28 -12.72 -19.42
C PHE A 20 -12.54 -12.97 -20.26
N GLN A 21 -12.83 -12.07 -21.18
CA GLN A 21 -13.99 -12.16 -22.05
C GLN A 21 -13.58 -12.05 -23.52
N GLY A 22 -14.12 -12.93 -24.34
CA GLY A 22 -13.84 -12.91 -25.78
C GLY A 22 -12.44 -13.33 -26.16
N ASP A 23 -11.82 -12.57 -27.09
CA ASP A 23 -10.56 -12.92 -27.74
C ASP A 23 -9.26 -12.54 -26.97
N VAL A 24 -9.34 -12.29 -25.66
CA VAL A 24 -8.19 -11.89 -24.84
C VAL A 24 -7.20 -13.03 -24.63
N THR A 25 -5.90 -12.70 -24.71
CA THR A 25 -4.80 -13.62 -24.42
C THR A 25 -3.78 -12.91 -23.50
N VAL A 26 -2.98 -13.69 -22.78
CA VAL A 26 -1.91 -13.15 -21.95
C VAL A 26 -0.62 -13.56 -22.64
N LEU A 27 0.24 -12.58 -22.96
CA LEU A 27 1.51 -12.83 -23.61
C LEU A 27 2.55 -13.24 -22.58
N SER A 28 3.64 -13.90 -23.03
CA SER A 28 4.70 -14.43 -22.16
C SER A 28 5.38 -13.31 -21.37
N ASN A 29 5.33 -12.06 -21.84
CA ASN A 29 5.91 -10.92 -21.14
C ASN A 29 4.96 -10.36 -20.03
N GLY A 30 3.75 -10.94 -19.91
CA GLY A 30 2.78 -10.53 -18.89
C GLY A 30 1.73 -9.53 -19.35
N ASN A 31 1.87 -9.02 -20.58
CA ASN A 31 0.92 -8.09 -21.18
C ASN A 31 -0.37 -8.78 -21.56
N ILE A 32 -1.48 -8.07 -21.44
CA ILE A 32 -2.77 -8.55 -21.89
C ILE A 32 -2.93 -8.06 -23.32
N GLN A 33 -3.25 -8.96 -24.25
CA GLN A 33 -3.56 -8.62 -25.64
C GLN A 33 -5.05 -8.82 -25.79
N LEU A 34 -5.78 -7.74 -26.10
CA LEU A 34 -7.24 -7.79 -26.13
C LEU A 34 -7.85 -8.31 -27.42
N THR A 35 -7.28 -8.03 -28.59
CA THR A 35 -7.90 -8.53 -29.81
C THR A 35 -7.07 -9.61 -30.52
N ASN A 36 -7.77 -10.47 -31.30
CA ASN A 36 -7.16 -11.56 -32.09
C ASN A 36 -6.97 -11.02 -33.51
N LEU A 37 -5.71 -10.88 -33.91
CA LEU A 37 -5.29 -10.29 -35.21
C LEU A 37 -5.75 -11.08 -36.43
N ASN A 38 -6.13 -12.37 -36.26
CA ASN A 38 -6.56 -13.21 -37.38
C ASN A 38 -8.10 -13.43 -37.42
N LYS A 39 -8.86 -12.73 -36.53
CA LYS A 39 -10.32 -12.85 -36.44
C LYS A 39 -11.03 -11.59 -36.94
N VAL A 40 -12.15 -11.77 -37.71
CA VAL A 40 -12.99 -10.65 -38.19
C VAL A 40 -13.86 -10.16 -37.00
N ASN A 41 -14.00 -8.83 -36.83
CA ASN A 41 -14.81 -8.21 -35.76
C ASN A 41 -14.40 -8.71 -34.36
N SER A 42 -13.09 -8.88 -34.15
CA SER A 42 -12.55 -9.37 -32.88
C SER A 42 -12.92 -8.43 -31.73
N VAL A 43 -13.31 -9.00 -30.60
CA VAL A 43 -13.65 -8.27 -29.36
C VAL A 43 -13.03 -9.06 -28.19
N GLY A 44 -12.29 -8.34 -27.37
CA GLY A 44 -11.68 -8.87 -26.15
C GLY A 44 -11.83 -7.87 -25.01
N ARG A 45 -12.20 -8.37 -23.82
CA ARG A 45 -12.36 -7.54 -22.63
C ARG A 45 -11.78 -8.23 -21.41
N VAL A 46 -11.20 -7.45 -20.49
CA VAL A 46 -10.71 -7.92 -19.20
C VAL A 46 -11.43 -7.15 -18.12
N LEU A 47 -11.82 -7.84 -17.04
CA LEU A 47 -12.49 -7.18 -15.93
C LEU A 47 -11.84 -7.57 -14.62
N TYR A 48 -11.81 -6.59 -13.67
CA TYR A 48 -11.40 -6.92 -12.33
C TYR A 48 -12.53 -7.81 -11.83
N ALA A 49 -12.21 -9.03 -11.38
CA ALA A 49 -13.21 -10.08 -11.10
C ALA A 49 -14.16 -9.76 -9.96
N MET A 50 -13.74 -9.00 -8.99
CA MET A 50 -14.58 -8.64 -7.87
C MET A 50 -15.47 -7.43 -8.18
N PRO A 51 -16.80 -7.55 -7.93
CA PRO A 51 -17.66 -6.36 -8.08
C PRO A 51 -17.22 -5.27 -7.09
N VAL A 52 -17.31 -4.02 -7.50
CA VAL A 52 -16.95 -2.90 -6.65
C VAL A 52 -18.22 -2.12 -6.32
N ARG A 53 -18.47 -1.87 -5.03
CA ARG A 53 -19.64 -1.10 -4.59
C ARG A 53 -19.28 0.38 -4.74
N ILE A 54 -19.77 1.04 -5.84
CA ILE A 54 -19.42 2.44 -6.12
C ILE A 54 -20.36 3.40 -5.46
N TRP A 55 -21.54 2.93 -5.03
CA TRP A 55 -22.48 3.79 -4.34
C TRP A 55 -23.44 2.92 -3.49
N SER A 56 -24.00 3.50 -2.43
CA SER A 56 -24.84 2.78 -1.50
C SER A 56 -26.22 3.43 -1.39
N SER A 57 -27.26 2.61 -1.62
CA SER A 57 -28.68 3.02 -1.53
C SER A 57 -29.08 3.39 -0.10
N ALA A 58 -28.34 2.90 0.90
CA ALA A 58 -28.57 3.15 2.33
C ALA A 58 -28.16 4.57 2.73
N THR A 59 -26.92 5.02 2.40
CA THR A 59 -26.45 6.37 2.78
C THR A 59 -26.58 7.42 1.67
N GLY A 60 -26.64 6.97 0.42
CA GLY A 60 -26.65 7.86 -0.75
C GLY A 60 -25.23 8.26 -1.15
N ASN A 61 -24.22 7.78 -0.40
CA ASN A 61 -22.81 8.08 -0.66
C ASN A 61 -22.30 7.39 -1.92
N VAL A 62 -21.40 8.09 -2.62
CA VAL A 62 -20.76 7.65 -3.86
C VAL A 62 -19.25 7.59 -3.60
N ALA A 63 -18.61 6.52 -4.08
CA ALA A 63 -17.18 6.37 -3.92
C ALA A 63 -16.39 7.32 -4.83
N SER A 64 -15.20 7.69 -4.38
CA SER A 64 -14.20 8.38 -5.19
C SER A 64 -13.24 7.30 -5.62
N PHE A 65 -12.48 7.52 -6.69
CA PHE A 65 -11.46 6.57 -7.07
C PHE A 65 -10.28 7.25 -7.78
N LEU A 66 -9.12 6.59 -7.67
CA LEU A 66 -7.89 6.95 -8.34
C LEU A 66 -7.40 5.70 -9.04
N THR A 67 -7.16 5.80 -10.34
CA THR A 67 -6.69 4.62 -11.08
C THR A 67 -5.67 5.04 -12.12
N SER A 68 -4.63 4.23 -12.26
CA SER A 68 -3.61 4.43 -13.27
C SER A 68 -3.40 3.14 -14.06
N PHE A 69 -3.15 3.28 -15.36
CA PHE A 69 -2.90 2.14 -16.24
C PHE A 69 -2.01 2.57 -17.37
N SER A 70 -1.36 1.58 -17.99
CA SER A 70 -0.53 1.80 -19.16
C SER A 70 -0.91 0.83 -20.26
N PHE A 71 -0.98 1.34 -21.48
CA PHE A 71 -1.32 0.54 -22.65
C PHE A 71 -0.39 0.84 -23.81
N GLU A 72 -0.53 0.02 -24.87
CA GLU A 72 0.20 0.15 -26.12
C GLU A 72 -0.67 -0.33 -27.27
N MET A 73 -0.74 0.48 -28.33
CA MET A 73 -1.39 0.08 -29.59
C MET A 73 -0.32 0.07 -30.66
N LYS A 74 -0.24 -1.01 -31.42
CA LYS A 74 0.78 -1.15 -32.46
C LYS A 74 0.16 -1.59 -33.79
N ASP A 75 0.57 -0.90 -34.87
CA ASP A 75 0.14 -1.23 -36.23
C ASP A 75 0.62 -2.60 -36.65
N ILE A 76 -0.16 -3.26 -37.48
CA ILE A 76 0.21 -4.54 -38.09
C ILE A 76 0.20 -4.29 -39.59
N LYS A 77 1.00 -5.05 -40.35
CA LYS A 77 1.06 -4.86 -41.79
C LYS A 77 -0.34 -5.04 -42.45
N ASP A 78 -0.64 -4.22 -43.47
CA ASP A 78 -1.84 -4.23 -44.35
C ASP A 78 -3.16 -3.79 -43.69
N TYR A 79 -3.40 -4.09 -42.40
CA TYR A 79 -4.66 -3.68 -41.81
C TYR A 79 -4.60 -2.22 -41.33
N ASP A 80 -5.75 -1.58 -41.36
CA ASP A 80 -5.95 -0.19 -40.93
C ASP A 80 -5.86 -0.17 -39.40
N PRO A 81 -4.93 0.59 -38.77
CA PRO A 81 -4.82 0.55 -37.29
C PRO A 81 -6.11 1.00 -36.63
N ALA A 82 -6.89 0.02 -36.16
CA ALA A 82 -8.22 0.22 -35.59
C ALA A 82 -8.58 -0.94 -34.62
N ASP A 83 -9.50 -0.74 -33.64
CA ASP A 83 -10.31 0.48 -33.45
C ASP A 83 -10.00 1.31 -32.22
N GLY A 84 -9.26 0.73 -31.28
CA GLY A 84 -8.89 1.40 -30.03
C GLY A 84 -9.26 0.64 -28.78
N ILE A 85 -8.98 1.27 -27.62
CA ILE A 85 -9.22 0.70 -26.30
C ILE A 85 -10.18 1.60 -25.51
N ILE A 86 -11.06 0.99 -24.69
CA ILE A 86 -11.91 1.73 -23.77
C ILE A 86 -11.74 1.18 -22.33
N PHE A 87 -11.47 2.09 -21.38
CA PHE A 87 -11.43 1.80 -19.95
C PHE A 87 -12.86 2.01 -19.50
N PHE A 88 -13.52 0.96 -19.00
CA PHE A 88 -14.95 1.11 -18.74
C PHE A 88 -15.39 0.56 -17.40
N ILE A 89 -16.59 1.00 -17.02
CA ILE A 89 -17.34 0.72 -15.78
C ILE A 89 -18.70 0.26 -16.19
N ALA A 90 -19.16 -0.89 -15.70
CA ALA A 90 -20.46 -1.39 -16.17
C ALA A 90 -21.15 -2.26 -15.10
N PRO A 91 -22.44 -2.61 -15.26
CA PRO A 91 -23.09 -3.52 -14.27
C PRO A 91 -22.28 -4.81 -14.10
N GLU A 92 -22.31 -5.40 -12.90
CA GLU A 92 -21.46 -6.57 -12.59
C GLU A 92 -21.68 -7.76 -13.52
N ASP A 93 -22.85 -7.87 -14.18
CA ASP A 93 -23.16 -8.97 -15.09
C ASP A 93 -22.75 -8.64 -16.54
N THR A 94 -21.93 -7.61 -16.74
CA THR A 94 -21.53 -7.16 -18.08
C THR A 94 -20.85 -8.27 -18.91
N GLN A 95 -21.27 -8.35 -20.16
CA GLN A 95 -20.78 -9.29 -21.17
C GLN A 95 -20.62 -8.56 -22.49
N ILE A 96 -19.78 -9.10 -23.40
CA ILE A 96 -19.67 -8.56 -24.76
C ILE A 96 -21.10 -8.56 -25.36
N PRO A 97 -21.59 -7.42 -25.93
CA PRO A 97 -22.96 -7.42 -26.48
C PRO A 97 -23.18 -8.56 -27.49
N ALA A 98 -24.35 -9.22 -27.40
CA ALA A 98 -24.68 -10.33 -28.30
C ALA A 98 -24.72 -9.87 -29.76
N GLY A 99 -24.02 -10.62 -30.61
CA GLY A 99 -23.89 -10.32 -32.04
C GLY A 99 -23.00 -9.12 -32.33
N SER A 100 -22.09 -8.77 -31.40
CA SER A 100 -21.15 -7.66 -31.51
C SER A 100 -20.42 -7.63 -32.86
N ILE A 101 -20.48 -6.46 -33.52
CA ILE A 101 -19.81 -6.22 -34.79
C ILE A 101 -18.38 -5.68 -34.54
N GLY A 102 -17.99 -5.62 -33.26
CA GLY A 102 -16.69 -5.07 -32.86
C GLY A 102 -16.55 -3.69 -33.45
N GLY A 103 -15.48 -3.49 -34.21
CA GLY A 103 -15.23 -2.21 -34.86
C GLY A 103 -15.34 -0.99 -33.96
N GLY A 104 -16.15 -0.01 -34.38
CA GLY A 104 -16.38 1.25 -33.69
C GLY A 104 -17.15 1.16 -32.38
N THR A 105 -17.77 -0.03 -32.12
CA THR A 105 -18.55 -0.27 -30.89
C THR A 105 -17.60 -0.43 -29.69
N LEU A 106 -16.30 -0.66 -29.96
CA LEU A 106 -15.20 -0.86 -29.00
C LEU A 106 -15.50 -2.03 -28.03
N GLY A 107 -16.42 -2.92 -28.43
CA GLY A 107 -16.82 -4.08 -27.65
C GLY A 107 -17.73 -3.83 -26.46
N VAL A 108 -18.28 -2.63 -26.34
CA VAL A 108 -19.12 -2.26 -25.19
C VAL A 108 -20.54 -1.86 -25.62
N SER A 109 -20.77 -1.66 -26.93
CA SER A 109 -22.08 -1.22 -27.39
C SER A 109 -22.67 -2.06 -28.52
N ASP A 110 -23.94 -1.79 -28.86
CA ASP A 110 -24.61 -2.47 -29.98
C ASP A 110 -24.23 -1.74 -31.28
N THR A 111 -24.81 -2.16 -32.43
CA THR A 111 -24.54 -1.54 -33.73
C THR A 111 -24.91 -0.06 -33.75
N LYS A 112 -25.98 0.34 -33.05
CA LYS A 112 -26.42 1.74 -32.98
C LYS A 112 -25.51 2.60 -32.05
N GLY A 113 -24.59 1.94 -31.36
CA GLY A 113 -23.61 2.57 -30.48
C GLY A 113 -24.05 2.73 -29.04
N ALA A 114 -25.13 2.04 -28.64
CA ALA A 114 -25.71 2.12 -27.31
C ALA A 114 -25.35 0.90 -26.45
N GLY A 115 -25.21 1.17 -25.15
CA GLY A 115 -24.90 0.15 -24.16
C GLY A 115 -25.12 0.69 -22.75
N HIS A 116 -24.80 -0.11 -21.75
CA HIS A 116 -24.90 0.25 -20.35
C HIS A 116 -23.48 0.27 -19.79
N PHE A 117 -22.84 1.46 -19.79
CA PHE A 117 -21.47 1.64 -19.32
C PHE A 117 -21.08 3.11 -19.23
N VAL A 118 -19.98 3.38 -18.54
CA VAL A 118 -19.31 4.68 -18.44
C VAL A 118 -17.89 4.37 -18.79
N GLY A 119 -17.29 5.14 -19.69
CA GLY A 119 -15.92 4.81 -20.07
C GLY A 119 -15.05 5.95 -20.56
N VAL A 120 -13.77 5.67 -20.70
CA VAL A 120 -12.77 6.57 -21.26
C VAL A 120 -12.14 5.83 -22.45
N GLU A 121 -12.46 6.28 -23.66
CA GLU A 121 -11.99 5.64 -24.91
C GLU A 121 -10.75 6.32 -25.47
N PHE A 122 -9.89 5.50 -26.09
CA PHE A 122 -8.66 5.88 -26.78
C PHE A 122 -8.90 5.39 -28.20
N ASP A 123 -9.63 6.19 -28.95
CA ASP A 123 -10.19 5.87 -30.26
C ASP A 123 -9.27 6.25 -31.41
N THR A 124 -8.92 5.24 -32.25
CA THR A 124 -7.95 5.42 -33.33
C THR A 124 -8.57 5.35 -34.75
N TYR A 125 -9.90 5.40 -34.86
CA TYR A 125 -10.61 5.38 -36.15
C TYR A 125 -11.89 6.21 -36.07
N SER A 126 -12.11 7.10 -37.07
CA SER A 126 -13.27 7.99 -37.12
C SER A 126 -14.50 7.32 -37.74
N ASN A 127 -15.46 6.92 -36.86
CA ASN A 127 -16.75 6.32 -37.23
C ASN A 127 -17.82 7.42 -37.33
N SER A 128 -18.16 7.81 -38.57
CA SER A 128 -19.17 8.84 -38.85
C SER A 128 -20.52 8.48 -38.20
N GLU A 129 -20.84 7.16 -38.17
CA GLU A 129 -22.08 6.59 -37.61
C GLU A 129 -22.19 6.86 -36.10
N TYR A 130 -21.06 7.15 -35.42
CA TYR A 130 -21.04 7.44 -33.98
C TYR A 130 -20.60 8.89 -33.71
N ASN A 131 -20.61 9.73 -34.77
CA ASN A 131 -20.24 11.15 -34.78
C ASN A 131 -18.85 11.38 -34.19
N ASP A 132 -17.90 10.48 -34.52
CA ASP A 132 -16.51 10.61 -34.07
C ASP A 132 -15.86 11.86 -34.62
N PRO A 133 -14.96 12.53 -33.89
CA PRO A 133 -14.24 13.68 -34.49
C PRO A 133 -13.32 13.19 -35.63
N PRO A 134 -12.76 14.08 -36.50
CA PRO A 134 -11.98 13.58 -37.65
C PRO A 134 -10.62 12.93 -37.34
N THR A 135 -10.02 13.17 -36.15
CA THR A 135 -8.70 12.58 -35.82
C THR A 135 -8.81 11.64 -34.63
N ASP A 136 -7.66 10.97 -34.24
CA ASP A 136 -7.56 10.15 -33.02
C ASP A 136 -8.00 11.01 -31.84
N HIS A 137 -8.68 10.40 -30.86
CA HIS A 137 -9.20 11.16 -29.74
C HIS A 137 -9.40 10.33 -28.47
N VAL A 138 -9.42 11.03 -27.36
CA VAL A 138 -9.78 10.50 -26.06
C VAL A 138 -11.20 10.98 -25.83
N GLY A 139 -12.08 10.08 -25.46
CA GLY A 139 -13.47 10.45 -25.26
C GLY A 139 -14.01 10.02 -23.92
N ILE A 140 -15.02 10.73 -23.42
CA ILE A 140 -15.70 10.37 -22.19
C ILE A 140 -17.07 9.89 -22.68
N ASP A 141 -17.41 8.64 -22.34
CA ASP A 141 -18.60 7.94 -22.85
C ASP A 141 -19.59 7.60 -21.77
N VAL A 142 -20.86 7.86 -22.04
CA VAL A 142 -21.94 7.59 -21.09
C VAL A 142 -23.06 6.87 -21.85
N ASN A 143 -23.06 5.52 -21.73
CA ASN A 143 -24.02 4.60 -22.34
C ASN A 143 -24.02 4.67 -23.89
N SER A 144 -22.93 5.20 -24.47
CA SER A 144 -22.81 5.38 -25.91
C SER A 144 -21.37 5.61 -26.32
N VAL A 145 -21.03 5.12 -27.52
CA VAL A 145 -19.74 5.38 -28.14
C VAL A 145 -19.84 6.70 -28.95
N ASP A 146 -21.00 7.38 -28.91
CA ASP A 146 -21.16 8.76 -29.40
C ASP A 146 -20.82 9.58 -28.13
N SER A 147 -19.54 9.90 -27.97
CA SER A 147 -18.99 10.51 -26.76
C SER A 147 -19.71 11.78 -26.30
N VAL A 148 -19.85 11.90 -24.99
CA VAL A 148 -20.40 13.13 -24.36
C VAL A 148 -19.40 14.25 -24.66
N LYS A 149 -18.08 13.91 -24.67
CA LYS A 149 -17.02 14.87 -24.96
C LYS A 149 -15.78 14.16 -25.45
N THR A 150 -15.00 14.83 -26.31
CA THR A 150 -13.73 14.30 -26.83
C THR A 150 -12.67 15.39 -26.80
N VAL A 151 -11.42 14.97 -26.93
CA VAL A 151 -10.27 15.85 -27.02
C VAL A 151 -9.37 15.24 -28.12
N PRO A 152 -8.79 16.07 -29.03
CA PRO A 152 -7.87 15.51 -30.03
C PRO A 152 -6.64 14.88 -29.33
N TRP A 153 -6.19 13.76 -29.86
CA TRP A 153 -5.07 13.01 -29.33
C TRP A 153 -4.38 12.34 -30.52
N ASN A 154 -3.26 11.67 -30.29
CA ASN A 154 -2.54 11.00 -31.37
C ASN A 154 -2.06 9.65 -30.87
N SER A 155 -2.53 8.55 -31.50
CA SER A 155 -2.10 7.21 -31.12
C SER A 155 -0.83 6.84 -31.91
N VAL A 156 0.30 6.80 -31.22
CA VAL A 156 1.61 6.49 -31.78
C VAL A 156 1.85 4.97 -31.70
N SER A 157 2.03 4.34 -32.87
CA SER A 157 2.27 2.89 -32.97
C SER A 157 3.52 2.48 -32.20
N GLY A 158 3.37 1.49 -31.30
CA GLY A 158 4.46 0.98 -30.47
C GLY A 158 4.79 1.80 -29.24
N ALA A 159 4.08 2.92 -29.01
CA ALA A 159 4.35 3.79 -27.87
C ALA A 159 3.62 3.33 -26.62
N VAL A 160 4.29 3.39 -25.46
CA VAL A 160 3.68 3.07 -24.18
C VAL A 160 3.02 4.35 -23.68
N VAL A 161 1.71 4.29 -23.44
CA VAL A 161 0.89 5.42 -23.01
C VAL A 161 0.50 5.20 -21.53
N LYS A 162 0.64 6.25 -20.72
CA LYS A 162 0.28 6.24 -19.29
C LYS A 162 -0.97 7.08 -19.09
N VAL A 163 -1.91 6.56 -18.29
CA VAL A 163 -3.16 7.25 -18.01
C VAL A 163 -3.39 7.30 -16.50
N THR A 164 -3.87 8.42 -16.02
CA THR A 164 -4.27 8.60 -14.64
C THR A 164 -5.69 9.14 -14.67
N VAL A 165 -6.56 8.52 -13.87
CA VAL A 165 -7.95 8.92 -13.80
C VAL A 165 -8.34 9.18 -12.33
N ILE A 166 -9.00 10.31 -12.11
CA ILE A 166 -9.52 10.69 -10.79
C ILE A 166 -11.02 10.84 -10.92
N TYR A 167 -11.78 10.15 -10.06
CA TYR A 167 -13.20 10.40 -9.97
C TYR A 167 -13.46 10.99 -8.60
N ASP A 168 -13.92 12.24 -8.59
CA ASP A 168 -14.26 12.93 -7.35
C ASP A 168 -15.79 12.84 -7.13
N SER A 169 -16.22 12.05 -6.16
CA SER A 169 -17.66 11.81 -5.94
C SER A 169 -18.47 13.08 -5.61
N SER A 170 -17.94 14.01 -4.77
CA SER A 170 -18.67 15.24 -4.38
C SER A 170 -19.05 16.12 -5.61
N THR A 171 -18.12 16.35 -6.54
CA THR A 171 -18.39 17.15 -7.74
C THR A 171 -18.87 16.29 -8.93
N LYS A 172 -18.77 14.96 -8.79
CA LYS A 172 -19.13 13.96 -9.82
C LYS A 172 -18.21 14.16 -11.05
N THR A 173 -16.99 14.64 -10.84
CA THR A 173 -16.05 14.91 -11.92
C THR A 173 -15.14 13.73 -12.18
N LEU A 174 -15.14 13.27 -13.44
CA LEU A 174 -14.24 12.27 -13.97
C LEU A 174 -13.11 13.04 -14.72
N SER A 175 -11.90 13.07 -14.15
CA SER A 175 -10.75 13.75 -14.73
C SER A 175 -9.72 12.74 -15.24
N VAL A 176 -9.23 12.96 -16.47
CA VAL A 176 -8.32 12.03 -17.18
C VAL A 176 -7.06 12.78 -17.65
N ALA A 177 -5.87 12.23 -17.34
CA ALA A 177 -4.60 12.77 -17.83
C ALA A 177 -3.87 11.64 -18.55
N VAL A 178 -3.52 11.88 -19.82
CA VAL A 178 -2.88 10.93 -20.74
C VAL A 178 -1.47 11.42 -21.08
N THR A 179 -0.45 10.63 -20.72
CA THR A 179 0.95 10.98 -20.93
C THR A 179 1.47 10.23 -22.13
N ASN A 180 1.76 10.97 -23.21
CA ASN A 180 2.29 10.49 -24.48
C ASN A 180 3.82 10.25 -24.41
N ASP A 181 4.35 9.52 -25.41
CA ASP A 181 5.74 9.13 -25.60
C ASP A 181 6.64 10.35 -25.77
N ASN A 182 6.17 11.39 -26.52
CA ASN A 182 6.91 12.63 -26.80
C ASN A 182 6.96 13.58 -25.57
N GLY A 183 6.41 13.14 -24.44
CA GLY A 183 6.39 13.91 -23.19
C GLY A 183 5.16 14.73 -22.89
N ASP A 184 4.41 15.16 -23.93
CA ASP A 184 3.20 15.99 -23.80
C ASP A 184 2.08 15.30 -23.04
N ILE A 185 1.26 16.08 -22.32
CA ILE A 185 0.10 15.58 -21.62
C ILE A 185 -1.16 16.04 -22.34
N THR A 186 -2.20 15.19 -22.32
CA THR A 186 -3.54 15.44 -22.86
C THR A 186 -4.51 15.24 -21.70
N THR A 187 -5.44 16.17 -21.51
CA THR A 187 -6.42 16.01 -20.43
C THR A 187 -7.83 16.16 -20.96
N ILE A 188 -8.77 15.53 -20.24
CA ILE A 188 -10.20 15.65 -20.52
C ILE A 188 -10.94 15.38 -19.20
N ALA A 189 -11.94 16.18 -18.91
CA ALA A 189 -12.74 16.05 -17.68
C ALA A 189 -14.22 16.25 -18.02
N GLN A 190 -15.09 15.54 -17.32
CA GLN A 190 -16.53 15.59 -17.54
C GLN A 190 -17.25 15.26 -16.26
N VAL A 191 -18.31 16.02 -15.95
CA VAL A 191 -19.17 15.66 -14.81
C VAL A 191 -20.05 14.48 -15.26
N VAL A 192 -19.92 13.33 -14.59
CA VAL A 192 -20.66 12.09 -14.83
C VAL A 192 -21.19 11.62 -13.47
N ASP A 193 -22.52 11.53 -13.33
CA ASP A 193 -23.16 11.08 -12.10
C ASP A 193 -23.27 9.55 -12.13
N LEU A 194 -22.28 8.88 -11.55
CA LEU A 194 -22.18 7.42 -11.56
C LEU A 194 -23.38 6.76 -10.83
N LYS A 195 -23.88 7.40 -9.76
CA LYS A 195 -25.06 6.95 -9.00
C LYS A 195 -26.35 6.94 -9.89
N ALA A 196 -26.45 7.88 -10.85
CA ALA A 196 -27.61 7.99 -11.74
C ALA A 196 -27.49 7.10 -12.98
N LYS A 197 -26.28 6.78 -13.41
CA LYS A 197 -26.06 6.04 -14.66
C LYS A 197 -25.71 4.58 -14.45
N LEU A 198 -25.29 4.21 -13.26
CA LEU A 198 -24.84 2.84 -13.01
C LEU A 198 -25.45 2.22 -11.74
N PRO A 199 -25.49 0.87 -11.61
CA PRO A 199 -25.99 0.25 -10.37
C PRO A 199 -25.00 0.40 -9.22
N GLU A 200 -25.43 0.05 -8.00
CA GLU A 200 -24.57 0.13 -6.81
C GLU A 200 -23.28 -0.69 -6.96
N ARG A 201 -23.39 -1.89 -7.54
CA ARG A 201 -22.30 -2.81 -7.76
C ARG A 201 -21.93 -2.84 -9.24
N VAL A 202 -20.65 -2.63 -9.53
CA VAL A 202 -20.10 -2.59 -10.90
C VAL A 202 -18.85 -3.42 -11.05
N LYS A 203 -18.43 -3.59 -12.31
CA LYS A 203 -17.14 -4.16 -12.67
C LYS A 203 -16.36 -3.12 -13.49
N PHE A 204 -15.05 -3.06 -13.27
CA PHE A 204 -14.14 -2.15 -13.98
C PHE A 204 -13.31 -3.01 -14.92
N GLY A 205 -12.98 -2.48 -16.08
CA GLY A 205 -12.13 -3.24 -16.99
C GLY A 205 -11.72 -2.47 -18.23
N PHE A 206 -11.23 -3.22 -19.22
CA PHE A 206 -10.79 -2.71 -20.51
C PHE A 206 -11.41 -3.54 -21.64
N SER A 207 -11.72 -2.90 -22.75
CA SER A 207 -12.25 -3.55 -23.94
C SER A 207 -11.61 -2.96 -25.18
N ALA A 208 -11.40 -3.79 -26.19
CA ALA A 208 -10.87 -3.37 -27.49
C ALA A 208 -11.51 -4.22 -28.59
N SER A 209 -11.57 -3.67 -29.81
CA SER A 209 -12.19 -4.37 -30.91
C SER A 209 -11.56 -4.00 -32.25
N GLY A 210 -11.88 -4.81 -33.24
CA GLY A 210 -11.46 -4.60 -34.62
C GLY A 210 -12.57 -4.99 -35.55
N SER A 211 -12.36 -4.77 -36.86
CA SER A 211 -13.31 -5.11 -37.90
C SER A 211 -12.65 -6.11 -38.89
N LEU A 212 -13.16 -6.22 -40.12
CA LEU A 212 -12.54 -7.07 -41.14
C LEU A 212 -11.18 -6.46 -41.54
N GLY A 213 -11.22 -5.19 -41.96
CA GLY A 213 -10.07 -4.41 -42.40
C GLY A 213 -9.33 -3.61 -41.33
N GLY A 214 -10.02 -3.29 -40.24
CA GLY A 214 -9.41 -2.55 -39.14
C GLY A 214 -8.96 -3.45 -38.01
N ARG A 215 -7.64 -3.62 -37.89
CA ARG A 215 -7.02 -4.47 -36.87
C ARG A 215 -5.71 -3.89 -36.41
N GLN A 216 -5.39 -4.04 -35.14
CA GLN A 216 -4.12 -3.60 -34.58
C GLN A 216 -3.87 -4.33 -33.27
N ILE A 217 -2.63 -4.30 -32.79
CA ILE A 217 -2.30 -4.89 -31.48
C ILE A 217 -2.84 -3.92 -30.41
N HIS A 218 -3.62 -4.41 -29.43
CA HIS A 218 -4.15 -3.64 -28.29
C HIS A 218 -3.63 -4.30 -27.03
N LEU A 219 -2.69 -3.64 -26.32
CA LEU A 219 -2.06 -4.21 -25.13
C LEU A 219 -2.35 -3.44 -23.84
N ILE A 220 -2.67 -4.15 -22.76
CA ILE A 220 -2.80 -3.57 -21.42
C ILE A 220 -1.55 -4.03 -20.67
N ARG A 221 -0.69 -3.09 -20.25
CA ARG A 221 0.59 -3.41 -19.61
C ARG A 221 0.56 -3.44 -18.08
N SER A 222 -0.15 -2.52 -17.47
CA SER A 222 -0.23 -2.42 -16.00
C SER A 222 -1.52 -1.71 -15.60
N TRP A 223 -1.94 -1.89 -14.34
CA TRP A 223 -3.16 -1.30 -13.81
C TRP A 223 -3.16 -1.27 -12.29
N SER A 224 -3.31 -0.05 -11.70
CA SER A 224 -3.44 0.15 -10.26
C SER A 224 -4.76 0.88 -10.04
N PHE A 225 -5.42 0.59 -8.92
CA PHE A 225 -6.73 1.16 -8.65
C PHE A 225 -6.95 1.25 -7.16
N THR A 226 -7.57 2.35 -6.71
CA THR A 226 -8.01 2.54 -5.33
C THR A 226 -9.34 3.26 -5.36
N SER A 227 -10.36 2.68 -4.72
CA SER A 227 -11.65 3.34 -4.54
C SER A 227 -11.93 3.38 -3.05
N THR A 228 -12.56 4.44 -2.57
CA THR A 228 -12.93 4.62 -1.18
C THR A 228 -14.35 5.17 -1.13
N LEU A 229 -15.25 4.46 -0.40
CA LEU A 229 -16.66 4.82 -0.19
C LEU A 229 -16.85 5.10 1.29
N ILE A 230 -17.26 6.32 1.63
CA ILE A 230 -17.52 6.70 3.02
C ILE A 230 -18.75 5.92 3.51
N THR A 231 -18.61 5.21 4.63
CA THR A 231 -19.67 4.41 5.25
C THR A 231 -20.05 5.10 6.57
N THR A 232 -21.28 5.63 6.69
CA THR A 232 -21.71 6.32 7.92
C THR A 232 -23.22 6.21 8.09
N ALA B 1 5.25 -11.56 -10.60
CA ALA B 1 4.58 -12.33 -9.57
C ALA B 1 3.10 -11.94 -9.41
N GLU B 2 2.30 -12.87 -8.91
CA GLU B 2 0.87 -12.71 -8.67
C GLU B 2 0.61 -12.47 -7.18
N THR B 3 0.08 -11.29 -6.87
CA THR B 3 -0.15 -10.85 -5.49
C THR B 3 -1.61 -10.46 -5.24
N VAL B 4 -2.13 -10.88 -4.06
CA VAL B 4 -3.44 -10.53 -3.53
C VAL B 4 -3.17 -9.72 -2.26
N SER B 5 -3.67 -8.47 -2.20
CA SER B 5 -3.46 -7.62 -1.06
C SER B 5 -4.74 -6.86 -0.70
N PHE B 6 -5.03 -6.77 0.62
CA PHE B 6 -6.17 -6.02 1.09
C PHE B 6 -5.95 -5.59 2.53
N ASN B 7 -6.75 -4.62 2.98
CA ASN B 7 -6.69 -4.12 4.34
C ASN B 7 -8.07 -3.60 4.74
N PHE B 8 -8.63 -4.17 5.83
CA PHE B 8 -9.90 -3.81 6.44
C PHE B 8 -9.65 -3.27 7.83
N ASN B 9 -9.95 -2.00 8.03
CA ASN B 9 -9.86 -1.32 9.32
C ASN B 9 -11.22 -1.44 10.01
N SER B 10 -12.24 -1.72 9.21
CA SER B 10 -13.65 -1.89 9.57
C SER B 10 -14.34 -2.70 8.49
N PHE B 11 -15.59 -3.11 8.75
CA PHE B 11 -16.34 -3.89 7.78
C PHE B 11 -17.73 -3.30 7.58
N SER B 12 -18.40 -3.73 6.49
CA SER B 12 -19.78 -3.31 6.21
C SER B 12 -20.53 -4.35 5.42
N GLU B 13 -21.84 -4.41 5.66
CA GLU B 13 -22.78 -5.25 4.93
C GLU B 13 -22.81 -4.76 3.48
N GLY B 14 -22.94 -5.67 2.55
CA GLY B 14 -23.01 -5.24 1.16
C GLY B 14 -21.67 -4.99 0.52
N ASN B 15 -20.56 -5.07 1.29
CA ASN B 15 -19.21 -4.99 0.74
C ASN B 15 -19.01 -6.27 -0.06
N PRO B 16 -19.00 -6.20 -1.42
CA PRO B 16 -18.90 -7.43 -2.23
C PRO B 16 -17.54 -8.15 -2.07
N ALA B 17 -16.56 -7.54 -1.38
CA ALA B 17 -15.24 -8.14 -1.13
C ALA B 17 -15.29 -9.22 -0.06
N ILE B 18 -16.42 -9.30 0.69
CA ILE B 18 -16.58 -10.25 1.77
C ILE B 18 -17.84 -11.12 1.58
N ASN B 19 -17.66 -12.46 1.71
CA ASN B 19 -18.75 -13.45 1.67
C ASN B 19 -19.16 -13.75 3.10
N PHE B 20 -20.44 -13.51 3.43
CA PHE B 20 -21.00 -13.78 4.76
C PHE B 20 -21.72 -15.13 4.73
N GLN B 21 -21.38 -16.01 5.66
CA GLN B 21 -21.98 -17.35 5.78
C GLN B 21 -22.59 -17.56 7.15
N GLY B 22 -23.80 -18.07 7.18
CA GLY B 22 -24.50 -18.39 8.43
C GLY B 22 -24.93 -17.17 9.24
N ASP B 23 -24.64 -17.19 10.56
CA ASP B 23 -25.15 -16.20 11.50
C ASP B 23 -24.35 -14.88 11.64
N VAL B 24 -23.50 -14.54 10.68
CA VAL B 24 -22.68 -13.31 10.73
C VAL B 24 -23.52 -12.06 10.62
N THR B 25 -23.15 -11.03 11.39
CA THR B 25 -23.75 -9.70 11.28
C THR B 25 -22.61 -8.65 11.33
N VAL B 26 -22.89 -7.46 10.83
CA VAL B 26 -21.93 -6.36 10.91
C VAL B 26 -22.53 -5.36 11.89
N LEU B 27 -21.79 -5.02 12.96
CA LEU B 27 -22.25 -4.07 13.96
C LEU B 27 -22.06 -2.64 13.46
N SER B 28 -22.80 -1.69 14.07
CA SER B 28 -22.75 -0.28 13.70
C SER B 28 -21.35 0.32 13.85
N ASN B 29 -20.50 -0.27 14.71
CA ASN B 29 -19.12 0.21 14.89
C ASN B 29 -18.14 -0.36 13.80
N GLY B 30 -18.65 -1.20 12.90
CA GLY B 30 -17.86 -1.80 11.84
C GLY B 30 -17.28 -3.17 12.12
N ASN B 31 -17.43 -3.66 13.37
CA ASN B 31 -16.99 -4.99 13.76
C ASN B 31 -17.87 -6.08 13.16
N ILE B 32 -17.25 -7.22 12.81
CA ILE B 32 -17.99 -8.39 12.37
C ILE B 32 -18.29 -9.21 13.62
N GLN B 33 -19.56 -9.59 13.83
CA GLN B 33 -19.96 -10.47 14.93
C GLN B 33 -20.32 -11.79 14.28
N LEU B 34 -19.52 -12.83 14.56
CA LEU B 34 -19.64 -14.12 13.93
C LEU B 34 -20.83 -15.00 14.40
N THR B 35 -21.13 -15.04 15.70
CA THR B 35 -22.25 -15.88 16.17
C THR B 35 -23.48 -15.08 16.65
N ASN B 36 -24.65 -15.73 16.57
CA ASN B 36 -25.93 -15.19 17.01
C ASN B 36 -26.16 -15.71 18.44
N LEU B 37 -26.17 -14.78 19.40
CA LEU B 37 -26.30 -15.02 20.84
C LEU B 37 -27.65 -15.68 21.23
N ASN B 38 -28.68 -15.58 20.37
CA ASN B 38 -30.00 -16.14 20.70
C ASN B 38 -30.30 -17.47 19.95
N LYS B 39 -29.32 -18.01 19.19
CA LYS B 39 -29.47 -19.24 18.40
C LYS B 39 -28.65 -20.41 18.98
N VAL B 40 -29.22 -21.63 18.96
CA VAL B 40 -28.56 -22.87 19.39
C VAL B 40 -27.61 -23.33 18.28
N ASN B 41 -26.41 -23.82 18.65
CA ASN B 41 -25.40 -24.31 17.68
C ASN B 41 -25.09 -23.26 16.59
N SER B 42 -25.06 -21.97 16.99
CA SER B 42 -24.79 -20.88 16.06
C SER B 42 -23.44 -21.06 15.38
N VAL B 43 -23.40 -20.82 14.07
CA VAL B 43 -22.16 -20.83 13.25
C VAL B 43 -22.24 -19.66 12.30
N GLY B 44 -21.20 -18.84 12.30
CA GLY B 44 -21.05 -17.72 11.38
C GLY B 44 -19.62 -17.69 10.85
N ARG B 45 -19.46 -17.49 9.52
CA ARG B 45 -18.15 -17.42 8.87
C ARG B 45 -18.09 -16.24 7.89
N VAL B 46 -16.92 -15.65 7.77
CA VAL B 46 -16.65 -14.56 6.79
C VAL B 46 -15.47 -15.01 5.94
N LEU B 47 -15.58 -14.81 4.63
CA LEU B 47 -14.52 -15.19 3.72
C LEU B 47 -14.18 -14.02 2.84
N TYR B 48 -12.90 -13.88 2.53
CA TYR B 48 -12.52 -12.88 1.54
C TYR B 48 -13.10 -13.44 0.23
N ALA B 49 -13.94 -12.66 -0.49
CA ALA B 49 -14.75 -13.15 -1.62
C ALA B 49 -13.97 -13.63 -2.84
N MET B 50 -12.79 -13.09 -3.06
CA MET B 50 -11.98 -13.51 -4.20
C MET B 50 -11.15 -14.74 -3.85
N PRO B 51 -11.21 -15.81 -4.68
CA PRO B 51 -10.33 -16.95 -4.43
C PRO B 51 -8.88 -16.51 -4.55
N VAL B 52 -8.01 -17.11 -3.74
CA VAL B 52 -6.58 -16.88 -3.75
C VAL B 52 -5.90 -18.12 -4.31
N ARG B 53 -5.10 -17.92 -5.36
CA ARG B 53 -4.32 -19.00 -5.97
C ARG B 53 -3.07 -19.18 -5.14
N ILE B 54 -3.07 -20.17 -4.21
CA ILE B 54 -1.96 -20.42 -3.30
C ILE B 54 -0.87 -21.30 -3.89
N TRP B 55 -1.14 -21.97 -5.02
CA TRP B 55 -0.13 -22.77 -5.68
C TRP B 55 -0.56 -23.06 -7.10
N SER B 56 0.40 -23.43 -7.97
CA SER B 56 0.12 -23.68 -9.39
C SER B 56 0.62 -25.04 -9.82
N SER B 57 -0.30 -25.84 -10.37
CA SER B 57 -0.05 -27.19 -10.88
C SER B 57 0.94 -27.16 -12.06
N ALA B 58 1.05 -26.01 -12.77
CA ALA B 58 1.94 -25.84 -13.92
C ALA B 58 3.42 -25.69 -13.49
N THR B 59 3.72 -24.79 -12.53
CA THR B 59 5.10 -24.54 -12.08
C THR B 59 5.52 -25.32 -10.83
N GLY B 60 4.54 -25.72 -10.02
CA GLY B 60 4.78 -26.37 -8.74
C GLY B 60 5.06 -25.35 -7.63
N ASN B 61 5.01 -24.04 -7.96
CA ASN B 61 5.26 -22.95 -7.00
C ASN B 61 4.13 -22.80 -5.99
N VAL B 62 4.50 -22.46 -4.74
CA VAL B 62 3.56 -22.23 -3.62
C VAL B 62 3.71 -20.78 -3.14
N ALA B 63 2.61 -20.10 -2.87
CA ALA B 63 2.64 -18.73 -2.42
C ALA B 63 3.06 -18.62 -0.97
N SER B 64 3.67 -17.48 -0.63
CA SER B 64 3.94 -17.09 0.74
C SER B 64 2.88 -16.08 1.09
N PHE B 65 2.59 -15.89 2.39
CA PHE B 65 1.65 -14.84 2.77
C PHE B 65 1.98 -14.26 4.16
N LEU B 66 1.51 -13.03 4.35
CA LEU B 66 1.60 -12.30 5.59
C LEU B 66 0.23 -11.78 5.90
N THR B 67 -0.28 -12.06 7.10
CA THR B 67 -1.63 -11.58 7.44
C THR B 67 -1.67 -11.18 8.90
N SER B 68 -2.43 -10.11 9.17
CA SER B 68 -2.63 -9.63 10.54
C SER B 68 -4.12 -9.36 10.75
N PHE B 69 -4.60 -9.67 11.94
CA PHE B 69 -5.98 -9.45 12.29
C PHE B 69 -6.11 -9.22 13.78
N SER B 70 -7.23 -8.60 14.18
CA SER B 70 -7.53 -8.36 15.57
C SER B 70 -8.97 -8.84 15.86
N PHE B 71 -9.13 -9.47 17.01
CA PHE B 71 -10.42 -10.00 17.44
C PHE B 71 -10.65 -9.71 18.91
N GLU B 72 -11.89 -9.98 19.32
CA GLU B 72 -12.35 -9.85 20.69
C GLU B 72 -13.40 -10.91 20.98
N MET B 73 -13.26 -11.59 22.11
CA MET B 73 -14.27 -12.52 22.60
C MET B 73 -14.75 -11.98 23.94
N LYS B 74 -16.08 -11.88 24.12
CA LYS B 74 -16.63 -11.34 25.36
C LYS B 74 -17.73 -12.23 25.94
N ASP B 75 -17.67 -12.47 27.26
CA ASP B 75 -18.65 -13.28 27.99
C ASP B 75 -20.01 -12.62 27.97
N ILE B 76 -21.07 -13.45 27.98
CA ILE B 76 -22.45 -12.97 28.08
C ILE B 76 -23.02 -13.64 29.33
N LYS B 77 -24.00 -13.00 29.97
CA LYS B 77 -24.67 -13.52 31.16
C LYS B 77 -25.28 -14.91 30.87
N ASP B 78 -25.17 -15.82 31.87
CA ASP B 78 -25.74 -17.18 31.96
C ASP B 78 -25.08 -18.25 31.06
N TYR B 79 -24.62 -17.90 29.87
CA TYR B 79 -24.01 -18.92 29.01
C TYR B 79 -22.52 -19.09 29.31
N ASP B 80 -22.03 -20.30 29.09
CA ASP B 80 -20.64 -20.66 29.23
C ASP B 80 -19.83 -20.00 28.05
N PRO B 81 -18.83 -19.15 28.32
CA PRO B 81 -18.06 -18.53 27.21
C PRO B 81 -17.40 -19.54 26.29
N ALA B 82 -18.01 -19.76 25.12
CA ALA B 82 -17.60 -20.78 24.15
C ALA B 82 -18.15 -20.44 22.74
N ASP B 83 -17.56 -20.97 21.63
CA ASP B 83 -16.49 -21.95 21.58
C ASP B 83 -15.14 -21.39 21.09
N GLY B 84 -15.11 -20.22 20.47
CA GLY B 84 -13.88 -19.64 19.99
C GLY B 84 -13.91 -19.25 18.52
N ILE B 85 -12.75 -18.82 18.02
CA ILE B 85 -12.60 -18.35 16.64
C ILE B 85 -11.50 -19.15 15.93
N ILE B 86 -11.68 -19.42 14.63
CA ILE B 86 -10.66 -20.07 13.82
C ILE B 86 -10.42 -19.24 12.54
N PHE B 87 -9.14 -18.91 12.30
CA PHE B 87 -8.68 -18.28 11.07
C PHE B 87 -8.38 -19.43 10.15
N PHE B 88 -9.10 -19.55 9.03
CA PHE B 88 -8.93 -20.76 8.22
C PHE B 88 -8.77 -20.49 6.71
N ILE B 89 -8.29 -21.54 6.04
CA ILE B 89 -8.04 -21.63 4.60
C ILE B 89 -8.74 -22.87 4.14
N ALA B 90 -9.52 -22.78 3.07
CA ALA B 90 -10.26 -23.95 2.59
C ALA B 90 -10.53 -23.87 1.08
N PRO B 91 -10.97 -24.99 0.43
CA PRO B 91 -11.28 -24.93 -1.00
C PRO B 91 -12.28 -23.80 -1.30
N GLU B 92 -12.22 -23.22 -2.51
CA GLU B 92 -13.04 -22.06 -2.84
C GLU B 92 -14.56 -22.33 -2.75
N ASP B 93 -15.00 -23.61 -2.81
CA ASP B 93 -16.42 -23.97 -2.70
C ASP B 93 -16.86 -24.13 -1.22
N THR B 94 -15.99 -23.78 -0.25
CA THR B 94 -16.25 -24.00 1.18
C THR B 94 -17.58 -23.36 1.66
N GLN B 95 -18.31 -24.15 2.43
CA GLN B 95 -19.56 -23.79 3.07
C GLN B 95 -19.55 -24.34 4.49
N ILE B 96 -20.40 -23.79 5.37
CA ILE B 96 -20.59 -24.36 6.72
C ILE B 96 -20.96 -25.84 6.54
N PRO B 97 -20.29 -26.82 7.19
CA PRO B 97 -20.64 -28.24 6.98
C PRO B 97 -22.16 -28.47 7.18
N ALA B 98 -22.76 -29.27 6.29
CA ALA B 98 -24.20 -29.57 6.37
C ALA B 98 -24.50 -30.31 7.67
N GLY B 99 -25.52 -29.81 8.39
CA GLY B 99 -25.97 -30.34 9.68
C GLY B 99 -25.01 -30.02 10.81
N SER B 100 -24.21 -28.92 10.65
CA SER B 100 -23.22 -28.47 11.64
C SER B 100 -23.80 -28.37 13.06
N ILE B 101 -23.11 -28.95 14.02
CA ILE B 101 -23.51 -28.90 15.42
C ILE B 101 -22.84 -27.68 16.11
N GLY B 102 -22.11 -26.87 15.31
CA GLY B 102 -21.35 -25.75 15.86
C GLY B 102 -20.44 -26.24 16.98
N GLY B 103 -20.52 -25.61 18.13
CA GLY B 103 -19.75 -26.07 19.29
C GLY B 103 -18.24 -26.15 19.08
N GLY B 104 -17.65 -27.26 19.51
CA GLY B 104 -16.22 -27.55 19.37
C GLY B 104 -15.75 -27.72 17.94
N THR B 105 -16.69 -27.85 16.97
CA THR B 105 -16.37 -28.01 15.53
C THR B 105 -15.85 -26.67 14.94
N LEU B 106 -16.09 -25.55 15.67
CA LEU B 106 -15.69 -24.19 15.31
C LEU B 106 -16.24 -23.77 13.92
N GLY B 107 -17.29 -24.47 13.45
CA GLY B 107 -17.94 -24.20 12.17
C GLY B 107 -17.17 -24.62 10.92
N VAL B 108 -16.12 -25.42 11.08
CA VAL B 108 -15.28 -25.84 9.93
C VAL B 108 -15.24 -27.36 9.78
N SER B 109 -15.77 -28.11 10.78
CA SER B 109 -15.67 -29.55 10.71
C SER B 109 -17.02 -30.26 10.98
N ASP B 110 -17.02 -31.59 10.78
CA ASP B 110 -18.18 -32.43 11.05
C ASP B 110 -18.18 -32.78 12.57
N THR B 111 -19.13 -33.60 13.00
CA THR B 111 -19.27 -34.02 14.41
C THR B 111 -18.00 -34.76 14.89
N LYS B 112 -17.35 -35.55 14.01
CA LYS B 112 -16.13 -36.29 14.36
C LYS B 112 -14.89 -35.38 14.41
N GLY B 113 -15.06 -34.11 14.00
CA GLY B 113 -14.02 -33.08 14.01
C GLY B 113 -13.18 -33.00 12.76
N ALA B 114 -13.65 -33.60 11.67
CA ALA B 114 -12.96 -33.66 10.39
C ALA B 114 -13.56 -32.70 9.37
N GLY B 115 -12.70 -32.20 8.51
CA GLY B 115 -13.05 -31.29 7.44
C GLY B 115 -11.91 -31.12 6.46
N HIS B 116 -12.12 -30.24 5.49
CA HIS B 116 -11.09 -29.95 4.47
C HIS B 116 -10.67 -28.47 4.67
N PHE B 117 -9.62 -28.26 5.46
CA PHE B 117 -9.15 -26.90 5.80
C PHE B 117 -7.82 -26.93 6.52
N VAL B 118 -7.19 -25.74 6.60
CA VAL B 118 -5.98 -25.51 7.37
C VAL B 118 -6.35 -24.30 8.21
N GLY B 119 -6.07 -24.32 9.49
CA GLY B 119 -6.43 -23.17 10.31
C GLY B 119 -5.63 -22.92 11.55
N VAL B 120 -5.89 -21.76 12.18
CA VAL B 120 -5.29 -21.31 13.43
C VAL B 120 -6.48 -20.98 14.35
N GLU B 121 -6.65 -21.77 15.39
CA GLU B 121 -7.79 -21.65 16.29
C GLU B 121 -7.42 -20.99 17.59
N PHE B 122 -8.36 -20.23 18.11
CA PHE B 122 -8.30 -19.52 19.39
C PHE B 122 -9.44 -20.12 20.20
N ASP B 123 -9.14 -21.26 20.83
CA ASP B 123 -10.09 -22.16 21.44
C ASP B 123 -10.35 -21.87 22.95
N THR B 124 -11.64 -21.55 23.30
CA THR B 124 -11.99 -21.17 24.67
C THR B 124 -12.80 -22.22 25.48
N TYR B 125 -12.91 -23.48 24.96
CA TYR B 125 -13.61 -24.59 25.64
C TYR B 125 -12.89 -25.90 25.37
N SER B 126 -12.69 -26.76 26.42
CA SER B 126 -11.97 -28.02 26.27
C SER B 126 -12.92 -29.18 25.92
N ASN B 127 -12.92 -29.56 24.64
CA ASN B 127 -13.71 -30.65 24.07
C ASN B 127 -12.88 -31.92 24.09
N SER B 128 -13.17 -32.84 25.06
CA SER B 128 -12.45 -34.11 25.20
C SER B 128 -12.53 -34.94 23.92
N GLU B 129 -13.67 -34.86 23.20
CA GLU B 129 -13.96 -35.57 21.95
C GLU B 129 -12.99 -35.16 20.81
N TYR B 130 -12.34 -33.99 20.93
CA TYR B 130 -11.36 -33.51 19.94
C TYR B 130 -9.94 -33.44 20.54
N ASN B 131 -9.76 -34.09 21.71
CA ASN B 131 -8.49 -34.18 22.45
C ASN B 131 -7.90 -32.80 22.75
N ASP B 132 -8.78 -31.83 23.09
CA ASP B 132 -8.37 -30.47 23.44
C ASP B 132 -7.48 -30.46 24.67
N PRO B 133 -6.46 -29.58 24.74
CA PRO B 133 -5.72 -29.47 26.01
C PRO B 133 -6.66 -28.96 27.15
N PRO B 134 -6.28 -29.05 28.44
CA PRO B 134 -7.25 -28.67 29.51
C PRO B 134 -7.57 -27.18 29.64
N THR B 135 -6.73 -26.26 29.09
CA THR B 135 -6.98 -24.81 29.19
C THR B 135 -7.24 -24.19 27.82
N ASP B 136 -7.53 -22.86 27.76
CA ASP B 136 -7.62 -22.12 26.50
C ASP B 136 -6.29 -22.30 25.74
N HIS B 137 -6.36 -22.34 24.40
CA HIS B 137 -5.18 -22.59 23.59
C HIS B 137 -5.30 -22.07 22.20
N VAL B 138 -4.14 -21.86 21.59
CA VAL B 138 -3.99 -21.53 20.19
C VAL B 138 -3.57 -22.82 19.58
N GLY B 139 -4.18 -23.21 18.50
CA GLY B 139 -3.78 -24.46 17.88
C GLY B 139 -3.63 -24.32 16.38
N ILE B 140 -2.85 -25.19 15.77
CA ILE B 140 -2.67 -25.25 14.33
C ILE B 140 -3.45 -26.51 13.89
N ASP B 141 -4.40 -26.33 12.98
CA ASP B 141 -5.33 -27.37 12.54
C ASP B 141 -5.14 -27.76 11.09
N VAL B 142 -5.04 -29.06 10.82
CA VAL B 142 -4.88 -29.59 9.46
C VAL B 142 -5.97 -30.66 9.27
N ASN B 143 -7.06 -30.26 8.61
CA ASN B 143 -8.22 -31.09 8.27
C ASN B 143 -8.92 -31.67 9.52
N SER B 144 -8.69 -31.06 10.70
CA SER B 144 -9.25 -31.52 11.95
C SER B 144 -9.19 -30.46 13.04
N VAL B 145 -10.19 -30.46 13.93
CA VAL B 145 -10.20 -29.61 15.11
C VAL B 145 -9.43 -30.34 16.25
N ASP B 146 -8.91 -31.54 15.97
CA ASP B 146 -7.98 -32.24 16.84
C ASP B 146 -6.62 -31.72 16.34
N SER B 147 -6.20 -30.58 16.87
CA SER B 147 -5.02 -29.82 16.44
C SER B 147 -3.76 -30.65 16.26
N VAL B 148 -2.98 -30.35 15.21
CA VAL B 148 -1.67 -30.97 14.99
C VAL B 148 -0.77 -30.52 16.15
N LYS B 149 -0.99 -29.29 16.63
CA LYS B 149 -0.18 -28.70 17.70
C LYS B 149 -0.95 -27.58 18.39
N THR B 150 -0.70 -27.41 19.69
CA THR B 150 -1.33 -26.34 20.47
C THR B 150 -0.27 -25.71 21.38
N VAL B 151 -0.60 -24.55 21.90
CA VAL B 151 0.19 -23.82 22.87
C VAL B 151 -0.80 -23.25 23.92
N PRO B 152 -0.54 -23.36 25.24
CA PRO B 152 -1.46 -22.77 26.21
C PRO B 152 -1.59 -21.25 25.98
N TRP B 153 -2.79 -20.74 26.16
CA TRP B 153 -3.10 -19.33 25.96
C TRP B 153 -4.25 -18.99 26.93
N ASN B 154 -4.63 -17.72 27.01
CA ASN B 154 -5.70 -17.30 27.90
C ASN B 154 -6.59 -16.32 27.18
N SER B 155 -7.89 -16.65 27.00
CA SER B 155 -8.82 -15.74 26.34
C SER B 155 -9.46 -14.84 27.40
N VAL B 156 -9.09 -13.56 27.39
CA VAL B 156 -9.57 -12.57 28.35
C VAL B 156 -10.81 -11.89 27.76
N SER B 157 -11.97 -12.01 28.48
CA SER B 157 -13.24 -11.41 28.07
C SER B 157 -13.12 -9.91 27.89
N GLY B 158 -13.55 -9.41 26.74
CA GLY B 158 -13.51 -7.99 26.41
C GLY B 158 -12.13 -7.47 25.97
N ALA B 159 -11.10 -8.33 25.91
CA ALA B 159 -9.75 -7.91 25.50
C ALA B 159 -9.59 -7.96 23.99
N VAL B 160 -8.89 -6.97 23.43
CA VAL B 160 -8.59 -6.93 22.01
C VAL B 160 -7.27 -7.70 21.82
N VAL B 161 -7.31 -8.73 20.98
CA VAL B 161 -6.16 -9.60 20.71
C VAL B 161 -5.65 -9.32 19.29
N LYS B 162 -4.32 -9.20 19.13
CA LYS B 162 -3.67 -8.97 17.86
C LYS B 162 -2.91 -10.22 17.43
N VAL B 163 -3.09 -10.63 16.17
CA VAL B 163 -2.43 -11.82 15.63
C VAL B 163 -1.66 -11.45 14.34
N THR B 164 -0.50 -12.03 14.17
CA THR B 164 0.30 -11.92 12.97
C THR B 164 0.66 -13.33 12.54
N VAL B 165 0.45 -13.62 11.26
CA VAL B 165 0.73 -14.95 10.71
C VAL B 165 1.62 -14.80 9.45
N ILE B 166 2.67 -15.64 9.40
CA ILE B 166 3.57 -15.72 8.26
C ILE B 166 3.55 -17.14 7.74
N TYR B 167 3.32 -17.29 6.44
CA TYR B 167 3.49 -18.57 5.82
C TYR B 167 4.64 -18.44 4.84
N ASP B 168 5.70 -19.19 5.10
CA ASP B 168 6.89 -19.22 4.26
C ASP B 168 6.82 -20.45 3.34
N SER B 169 6.56 -20.26 2.06
CA SER B 169 6.38 -21.38 1.12
C SER B 169 7.60 -22.31 1.00
N SER B 170 8.85 -21.77 0.97
CA SER B 170 10.07 -22.59 0.83
C SER B 170 10.23 -23.64 1.97
N THR B 171 10.01 -23.23 3.23
CA THR B 171 10.11 -24.18 4.37
C THR B 171 8.76 -24.79 4.73
N LYS B 172 7.66 -24.28 4.11
CA LYS B 172 6.27 -24.71 4.36
C LYS B 172 5.90 -24.42 5.85
N THR B 173 6.51 -23.38 6.43
CA THR B 173 6.29 -23.05 7.84
C THR B 173 5.19 -22.03 8.01
N LEU B 174 4.21 -22.37 8.83
CA LEU B 174 3.12 -21.50 9.28
C LEU B 174 3.51 -21.01 10.68
N SER B 175 3.87 -19.72 10.81
CA SER B 175 4.29 -19.11 12.08
C SER B 175 3.23 -18.12 12.54
N VAL B 176 2.89 -18.16 13.83
CA VAL B 176 1.81 -17.37 14.46
C VAL B 176 2.31 -16.66 15.71
N ALA B 177 2.06 -15.35 15.81
CA ALA B 177 2.38 -14.56 17.00
C ALA B 177 1.09 -13.87 17.48
N VAL B 178 0.74 -14.08 18.75
CA VAL B 178 -0.50 -13.60 19.41
C VAL B 178 -0.11 -12.66 20.54
N THR B 179 -0.57 -11.41 20.45
CA THR B 179 -0.27 -10.37 21.41
C THR B 179 -1.48 -10.18 22.28
N ASN B 180 -1.32 -10.67 23.54
CA ASN B 180 -2.23 -10.66 24.67
C ASN B 180 -2.36 -9.25 25.26
N ASP B 181 -3.42 -9.03 26.07
CA ASP B 181 -3.76 -7.76 26.71
C ASP B 181 -2.73 -7.39 27.81
N ASN B 182 -2.21 -8.41 28.55
CA ASN B 182 -1.21 -8.23 29.61
C ASN B 182 0.24 -7.90 29.05
N GLY B 183 0.36 -7.78 27.73
CA GLY B 183 1.61 -7.44 27.05
C GLY B 183 2.47 -8.58 26.53
N ASP B 184 2.33 -9.79 27.12
CA ASP B 184 3.07 -10.98 26.72
C ASP B 184 2.71 -11.42 25.28
N ILE B 185 3.69 -12.06 24.60
CA ILE B 185 3.48 -12.63 23.29
C ILE B 185 3.45 -14.17 23.45
N THR B 186 2.61 -14.81 22.64
CA THR B 186 2.46 -16.25 22.54
C THR B 186 2.77 -16.60 21.09
N THR B 187 3.60 -17.61 20.86
CA THR B 187 3.86 -18.04 19.48
C THR B 187 3.61 -19.53 19.33
N ILE B 188 3.36 -19.93 18.07
CA ILE B 188 3.22 -21.32 17.67
C ILE B 188 3.55 -21.41 16.19
N ALA B 189 4.32 -22.41 15.82
CA ALA B 189 4.71 -22.62 14.43
C ALA B 189 4.67 -24.10 14.10
N GLN B 190 4.35 -24.43 12.83
CA GLN B 190 4.22 -25.80 12.37
C GLN B 190 4.46 -25.85 10.88
N VAL B 191 5.20 -26.87 10.43
CA VAL B 191 5.37 -27.11 9.00
C VAL B 191 4.05 -27.71 8.50
N VAL B 192 3.39 -27.03 7.54
CA VAL B 192 2.14 -27.45 6.90
C VAL B 192 2.33 -27.28 5.40
N ASP B 193 2.26 -28.40 4.64
CA ASP B 193 2.41 -28.35 3.19
C ASP B 193 1.04 -28.01 2.55
N LEU B 194 0.81 -26.72 2.27
CA LEU B 194 -0.46 -26.23 1.72
C LEU B 194 -0.76 -26.85 0.34
N LYS B 195 0.29 -27.09 -0.49
CA LYS B 195 0.16 -27.73 -1.82
C LYS B 195 -0.37 -29.19 -1.70
N ALA B 196 -0.01 -29.90 -0.60
CA ALA B 196 -0.44 -31.28 -0.36
C ALA B 196 -1.81 -31.37 0.31
N LYS B 197 -2.20 -30.34 1.06
CA LYS B 197 -3.44 -30.40 1.84
C LYS B 197 -4.58 -29.64 1.22
N LEU B 198 -4.30 -28.70 0.31
CA LEU B 198 -5.37 -27.88 -0.23
C LEU B 198 -5.31 -27.75 -1.77
N PRO B 199 -6.45 -27.41 -2.42
CA PRO B 199 -6.41 -27.16 -3.87
C PRO B 199 -5.64 -25.88 -4.21
N GLU B 200 -5.47 -25.68 -5.53
CA GLU B 200 -4.73 -24.51 -6.03
C GLU B 200 -5.38 -23.21 -5.64
N ARG B 201 -6.72 -23.16 -5.72
CA ARG B 201 -7.53 -21.99 -5.40
C ARG B 201 -8.23 -22.20 -4.10
N VAL B 202 -8.04 -21.26 -3.21
CA VAL B 202 -8.61 -21.32 -1.86
C VAL B 202 -9.30 -20.04 -1.46
N LYS B 203 -10.03 -20.12 -0.33
CA LYS B 203 -10.61 -18.96 0.29
C LYS B 203 -10.07 -18.87 1.71
N PHE B 204 -9.82 -17.63 2.15
CA PHE B 204 -9.37 -17.32 3.49
C PHE B 204 -10.48 -16.69 4.26
N GLY B 205 -10.52 -16.92 5.56
CA GLY B 205 -11.58 -16.34 6.36
C GLY B 205 -11.54 -16.70 7.83
N PHE B 206 -12.64 -16.36 8.53
CA PHE B 206 -12.81 -16.64 9.96
C PHE B 206 -14.13 -17.35 10.20
N SER B 207 -14.15 -18.24 11.19
CA SER B 207 -15.35 -18.94 11.60
C SER B 207 -15.39 -19.00 13.12
N ALA B 208 -16.61 -18.98 13.67
CA ALA B 208 -16.83 -19.10 15.11
C ALA B 208 -18.13 -19.84 15.33
N SER B 209 -18.25 -20.51 16.46
CA SER B 209 -19.48 -21.26 16.76
C SER B 209 -19.77 -21.31 18.24
N GLY B 210 -21.00 -21.74 18.53
CA GLY B 210 -21.52 -21.93 19.86
C GLY B 210 -22.34 -23.20 19.94
N SER B 211 -22.78 -23.53 21.14
CA SER B 211 -23.68 -24.66 21.35
C SER B 211 -24.99 -24.17 22.00
N LEU B 212 -25.74 -25.07 22.68
CA LEU B 212 -26.97 -24.66 23.37
C LEU B 212 -26.60 -23.80 24.58
N GLY B 213 -25.71 -24.32 25.40
CA GLY B 213 -25.26 -23.63 26.62
C GLY B 213 -23.97 -22.85 26.50
N GLY B 214 -23.25 -23.00 25.39
CA GLY B 214 -21.97 -22.34 25.13
C GLY B 214 -22.11 -21.26 24.11
N ARG B 215 -22.17 -20.01 24.57
CA ARG B 215 -22.34 -18.83 23.75
C ARG B 215 -21.48 -17.69 24.29
N GLN B 216 -20.94 -16.88 23.37
CA GLN B 216 -20.15 -15.69 23.69
C GLN B 216 -20.12 -14.78 22.47
N ILE B 217 -19.74 -13.53 22.70
CA ILE B 217 -19.58 -12.60 21.60
C ILE B 217 -18.23 -12.95 20.92
N HIS B 218 -18.23 -13.13 19.58
CA HIS B 218 -17.02 -13.38 18.76
C HIS B 218 -16.93 -12.27 17.75
N LEU B 219 -15.95 -11.36 17.93
CA LEU B 219 -15.81 -10.20 17.04
C LEU B 219 -14.51 -10.21 16.22
N ILE B 220 -14.61 -9.87 14.93
CA ILE B 220 -13.45 -9.64 14.07
C ILE B 220 -13.40 -8.13 13.87
N ARG B 221 -12.32 -7.49 14.34
CA ARG B 221 -12.20 -6.03 14.31
C ARG B 221 -11.47 -5.47 13.10
N SER B 222 -10.40 -6.14 12.65
CA SER B 222 -9.61 -5.69 11.51
C SER B 222 -8.90 -6.88 10.88
N TRP B 223 -8.48 -6.74 9.62
CA TRP B 223 -7.81 -7.79 8.86
C TRP B 223 -7.04 -7.21 7.68
N SER B 224 -5.72 -7.46 7.63
CA SER B 224 -4.83 -7.11 6.52
C SER B 224 -4.20 -8.40 6.02
N PHE B 225 -3.97 -8.51 4.72
CA PHE B 225 -3.43 -9.72 4.12
C PHE B 225 -2.65 -9.38 2.84
N THR B 226 -1.55 -10.10 2.62
CA THR B 226 -0.77 -10.05 1.38
C THR B 226 -0.25 -11.44 1.08
N SER B 227 -0.55 -11.95 -0.12
CA SER B 227 0.00 -13.22 -0.61
C SER B 227 0.69 -12.94 -1.93
N THR B 228 1.80 -13.64 -2.20
CA THR B 228 2.57 -13.49 -3.43
C THR B 228 3.00 -14.87 -3.89
N LEU B 229 2.62 -15.21 -5.15
CA LEU B 229 2.92 -16.44 -5.88
C LEU B 229 3.82 -16.10 -7.05
N ILE B 230 5.00 -16.72 -7.07
CA ILE B 230 5.98 -16.52 -8.15
C ILE B 230 5.41 -17.23 -9.40
N THR B 231 5.33 -16.49 -10.50
CA THR B 231 4.80 -16.97 -11.78
C THR B 231 5.88 -17.15 -12.83
N THR B 232 5.67 -18.14 -13.73
CA THR B 232 6.54 -18.49 -14.87
C THR B 232 6.82 -17.28 -15.76
N ALA C 1 5.82 -15.01 33.56
CA ALA C 1 6.74 -14.90 32.42
C ALA C 1 7.44 -13.55 32.39
N GLU C 2 8.63 -13.53 31.78
CA GLU C 2 9.49 -12.35 31.65
C GLU C 2 9.37 -11.79 30.23
N THR C 3 8.82 -10.58 30.12
CA THR C 3 8.55 -9.91 28.85
C THR C 3 9.26 -8.57 28.74
N VAL C 4 9.88 -8.33 27.56
CA VAL C 4 10.50 -7.08 27.16
C VAL C 4 9.65 -6.55 26.01
N SER C 5 9.11 -5.34 26.17
CA SER C 5 8.29 -4.72 25.13
C SER C 5 8.62 -3.25 24.96
N PHE C 6 8.77 -2.80 23.72
CA PHE C 6 9.02 -1.41 23.42
C PHE C 6 8.49 -1.05 22.03
N ASN C 7 8.35 0.26 21.79
CA ASN C 7 7.87 0.76 20.52
C ASN C 7 8.48 2.14 20.27
N PHE C 8 9.16 2.28 19.13
CA PHE C 8 9.77 3.52 18.65
C PHE C 8 9.10 3.96 17.36
N ASN C 9 8.38 5.08 17.40
CA ASN C 9 7.76 5.68 16.22
C ASN C 9 8.74 6.64 15.60
N SER C 10 9.72 7.05 16.41
CA SER C 10 10.82 7.97 16.12
C SER C 10 11.94 7.71 17.10
N PHE C 11 13.13 8.25 16.81
CA PHE C 11 14.31 8.11 17.66
C PHE C 11 14.95 9.49 17.87
N SER C 12 15.69 9.65 18.98
CA SER C 12 16.42 10.88 19.31
C SER C 12 17.76 10.47 19.84
N GLU C 13 18.83 11.14 19.41
CA GLU C 13 20.21 10.83 19.79
C GLU C 13 20.45 11.05 21.29
N GLY C 14 19.62 11.90 21.89
CA GLY C 14 19.71 12.27 23.29
C GLY C 14 19.22 11.23 24.28
N ASN C 15 18.25 10.39 23.84
CA ASN C 15 17.60 9.35 24.65
C ASN C 15 18.53 8.19 25.09
N PRO C 16 18.44 7.75 26.38
CA PRO C 16 19.33 6.67 26.85
C PRO C 16 18.92 5.24 26.44
N ALA C 17 17.67 5.01 25.94
CA ALA C 17 17.17 3.68 25.56
C ALA C 17 17.87 3.09 24.33
N ILE C 18 18.61 3.90 23.56
CA ILE C 18 19.32 3.40 22.41
C ILE C 18 20.82 3.73 22.52
N ASN C 19 21.67 2.74 22.16
CA ASN C 19 23.13 2.86 22.06
C ASN C 19 23.48 3.17 20.63
N PHE C 20 24.31 4.21 20.40
CA PHE C 20 24.74 4.60 19.07
C PHE C 20 26.20 4.24 18.87
N GLN C 21 26.51 3.53 17.78
CA GLN C 21 27.86 3.10 17.46
C GLN C 21 28.29 3.56 16.10
N GLY C 22 29.51 4.08 16.03
CA GLY C 22 30.10 4.52 14.77
C GLY C 22 29.52 5.79 14.18
N ASP C 23 29.29 5.75 12.85
CA ASP C 23 28.85 6.87 12.02
C ASP C 23 27.32 7.09 11.99
N VAL C 24 26.56 6.66 13.03
CA VAL C 24 25.11 6.89 13.06
C VAL C 24 24.77 8.30 13.49
N THR C 25 23.73 8.88 12.86
CA THR C 25 23.16 10.15 13.22
C THR C 25 21.64 9.99 13.34
N VAL C 26 21.00 10.91 14.06
CA VAL C 26 19.55 10.97 14.14
C VAL C 26 19.16 12.24 13.35
N LEU C 27 18.28 12.10 12.35
CA LEU C 27 17.80 13.25 11.57
C LEU C 27 16.72 13.99 12.36
N SER C 28 16.46 15.26 12.04
CA SER C 28 15.46 16.09 12.69
C SER C 28 14.05 15.49 12.57
N ASN C 29 13.82 14.66 11.51
CA ASN C 29 12.53 13.97 11.29
C ASN C 29 12.39 12.74 12.20
N GLY C 30 13.44 12.42 12.96
CA GLY C 30 13.47 11.33 13.91
C GLY C 30 13.98 10.00 13.38
N ASN C 31 14.37 9.95 12.09
CA ASN C 31 14.93 8.76 11.44
C ASN C 31 16.38 8.55 11.85
N ILE C 32 16.79 7.28 11.97
CA ILE C 32 18.17 6.94 12.23
C ILE C 32 18.83 6.75 10.90
N GLN C 33 19.97 7.43 10.66
CA GLN C 33 20.79 7.28 9.46
C GLN C 33 22.04 6.55 9.90
N LEU C 34 22.24 5.32 9.43
CA LEU C 34 23.33 4.49 9.89
C LEU C 34 24.69 4.85 9.26
N THR C 35 24.78 5.14 7.95
CA THR C 35 26.10 5.42 7.37
C THR C 35 26.31 6.91 7.01
N ASN C 36 27.60 7.34 7.03
CA ASN C 36 28.04 8.68 6.67
C ASN C 36 28.42 8.67 5.18
N LEU C 37 27.65 9.41 4.38
CA LEU C 37 27.78 9.50 2.92
C LEU C 37 29.13 10.12 2.45
N ASN C 38 29.83 10.85 3.33
CA ASN C 38 31.08 11.52 2.96
C ASN C 38 32.33 10.78 3.50
N LYS C 39 32.15 9.58 4.10
CA LYS C 39 33.23 8.79 4.71
C LYS C 39 33.48 7.47 3.95
N VAL C 40 34.78 7.10 3.77
CA VAL C 40 35.20 5.83 3.14
C VAL C 40 35.00 4.71 4.20
N ASN C 41 34.45 3.54 3.78
CA ASN C 41 34.18 2.35 4.62
C ASN C 41 33.35 2.71 5.87
N SER C 42 32.29 3.51 5.70
CA SER C 42 31.43 3.94 6.80
C SER C 42 30.67 2.79 7.46
N VAL C 43 30.65 2.74 8.80
CA VAL C 43 29.91 1.75 9.58
C VAL C 43 29.18 2.47 10.70
N GLY C 44 27.92 2.15 10.81
CA GLY C 44 27.07 2.68 11.86
C GLY C 44 26.13 1.62 12.35
N ARG C 45 25.91 1.60 13.67
CA ARG C 45 25.01 0.63 14.29
C ARG C 45 24.21 1.24 15.40
N VAL C 46 23.04 0.62 15.63
CA VAL C 46 22.17 1.02 16.69
C VAL C 46 21.76 -0.25 17.47
N LEU C 47 21.58 -0.11 18.79
CA LEU C 47 21.19 -1.19 19.70
C LEU C 47 20.25 -0.70 20.76
N TYR C 48 19.23 -1.53 21.11
CA TYR C 48 18.37 -1.24 22.24
C TYR C 48 19.28 -1.39 23.46
N ALA C 49 19.47 -0.30 24.23
CA ALA C 49 20.45 -0.21 25.32
C ALA C 49 20.29 -1.26 26.40
N MET C 50 19.06 -1.74 26.66
CA MET C 50 18.85 -2.76 27.69
C MET C 50 19.12 -4.16 27.13
N PRO C 51 20.01 -4.96 27.77
CA PRO C 51 20.16 -6.36 27.33
C PRO C 51 18.85 -7.14 27.55
N VAL C 52 18.52 -8.04 26.61
CA VAL C 52 17.31 -8.86 26.67
C VAL C 52 17.75 -10.31 26.91
N ARG C 53 17.19 -10.93 27.97
CA ARG C 53 17.43 -12.31 28.36
C ARG C 53 16.61 -13.22 27.43
N ILE C 54 17.27 -13.83 26.42
CA ILE C 54 16.61 -14.67 25.40
C ILE C 54 16.59 -16.13 25.83
N TRP C 55 17.46 -16.55 26.75
CA TRP C 55 17.42 -17.92 27.25
C TRP C 55 18.00 -17.99 28.64
N SER C 56 17.69 -19.09 29.33
CA SER C 56 18.03 -19.31 30.72
C SER C 56 18.88 -20.57 30.95
N SER C 57 20.03 -20.40 31.64
CA SER C 57 20.89 -21.54 32.02
C SER C 57 20.25 -22.34 33.17
N ALA C 58 19.32 -21.73 33.92
CA ALA C 58 18.63 -22.42 35.01
C ALA C 58 17.53 -23.36 34.51
N THR C 59 16.62 -22.88 33.64
CA THR C 59 15.49 -23.71 33.17
C THR C 59 15.72 -24.34 31.80
N GLY C 60 16.60 -23.72 31.01
CA GLY C 60 16.87 -24.12 29.62
C GLY C 60 15.83 -23.54 28.66
N ASN C 61 14.89 -22.73 29.17
CA ASN C 61 13.83 -22.10 28.36
C ASN C 61 14.40 -21.02 27.44
N VAL C 62 13.81 -20.92 26.24
CA VAL C 62 14.22 -19.95 25.21
C VAL C 62 13.00 -19.04 24.94
N ALA C 63 13.26 -17.73 24.79
CA ALA C 63 12.18 -16.79 24.56
C ALA C 63 11.68 -16.87 23.15
N SER C 64 10.41 -16.51 22.95
CA SER C 64 9.84 -16.26 21.63
C SER C 64 9.83 -14.75 21.46
N PHE C 65 9.80 -14.23 20.22
CA PHE C 65 9.67 -12.80 20.04
C PHE C 65 8.95 -12.47 18.74
N LEU C 66 8.35 -11.28 18.74
CA LEU C 66 7.71 -10.64 17.59
C LEU C 66 8.29 -9.26 17.45
N THR C 67 8.80 -8.93 16.27
CA THR C 67 9.36 -7.59 16.07
C THR C 67 9.03 -7.09 14.68
N SER C 68 8.73 -5.80 14.59
CA SER C 68 8.44 -5.14 13.35
C SER C 68 9.26 -3.85 13.25
N PHE C 69 9.72 -3.55 12.05
CA PHE C 69 10.49 -2.36 11.79
C PHE C 69 10.28 -1.91 10.37
N SER C 70 10.54 -0.63 10.13
CA SER C 70 10.46 -0.06 8.80
C SER C 70 11.78 0.69 8.49
N PHE C 71 12.26 0.52 7.27
CA PHE C 71 13.49 1.14 6.80
C PHE C 71 13.33 1.71 5.40
N GLU C 72 14.37 2.45 5.00
CA GLU C 72 14.49 3.03 3.67
C GLU C 72 15.95 3.07 3.26
N MET C 73 16.23 2.65 2.04
CA MET C 73 17.54 2.76 1.41
C MET C 73 17.38 3.61 0.17
N LYS C 74 18.21 4.64 0.03
CA LYS C 74 18.11 5.55 -1.10
C LYS C 74 19.46 5.76 -1.78
N ASP C 75 19.47 5.71 -3.12
CA ASP C 75 20.66 5.91 -3.95
C ASP C 75 21.14 7.34 -3.82
N ILE C 76 22.44 7.53 -3.95
CA ILE C 76 23.07 8.84 -3.96
C ILE C 76 23.83 8.94 -5.27
N LYS C 77 24.01 10.17 -5.74
CA LYS C 77 24.67 10.46 -7.00
C LYS C 77 26.17 10.13 -6.92
N ASP C 78 26.69 9.47 -7.98
CA ASP C 78 28.10 9.12 -8.22
C ASP C 78 28.60 7.91 -7.35
N TYR C 79 27.71 7.25 -6.58
CA TYR C 79 28.13 6.09 -5.79
C TYR C 79 27.23 4.88 -6.03
N ASP C 80 27.84 3.69 -5.94
CA ASP C 80 27.15 2.40 -6.08
C ASP C 80 26.21 2.21 -4.89
N PRO C 81 24.89 1.96 -5.07
CA PRO C 81 24.01 1.78 -3.90
C PRO C 81 24.43 0.52 -3.13
N ALA C 82 25.19 0.72 -2.04
CA ALA C 82 25.75 -0.35 -1.23
C ALA C 82 25.96 0.08 0.24
N ASP C 83 26.02 -0.85 1.22
CA ASP C 83 26.01 -2.31 1.05
C ASP C 83 24.75 -3.00 1.58
N GLY C 84 23.99 -2.30 2.41
CA GLY C 84 22.76 -2.85 2.97
C GLY C 84 22.64 -2.71 4.47
N ILE C 85 21.48 -3.12 5.01
CA ILE C 85 21.13 -3.09 6.42
C ILE C 85 21.02 -4.51 6.97
N ILE C 86 21.45 -4.73 8.22
CA ILE C 86 21.28 -6.01 8.90
C ILE C 86 20.62 -5.78 10.26
N PHE C 87 19.53 -6.51 10.50
CA PHE C 87 18.83 -6.55 11.78
C PHE C 87 19.52 -7.66 12.53
N PHE C 88 20.21 -7.35 13.64
CA PHE C 88 21.01 -8.37 14.29
C PHE C 88 20.80 -8.48 15.79
N ILE C 89 21.23 -9.65 16.30
CA ILE C 89 21.22 -10.10 17.69
C ILE C 89 22.67 -10.49 18.05
N ALA C 90 23.18 -9.98 19.14
CA ALA C 90 24.59 -10.26 19.46
C ALA C 90 24.87 -10.20 20.95
N PRO C 91 26.04 -10.68 21.44
CA PRO C 91 26.35 -10.54 22.88
C PRO C 91 26.23 -9.09 23.37
N GLU C 92 25.89 -8.90 24.64
CA GLU C 92 25.63 -7.57 25.17
C GLU C 92 26.85 -6.62 25.08
N ASP C 93 28.09 -7.15 24.97
CA ASP C 93 29.29 -6.33 24.83
C ASP C 93 29.60 -6.02 23.33
N THR C 94 28.66 -6.27 22.41
CA THR C 94 28.90 -6.10 20.98
C THR C 94 29.35 -4.66 20.60
N GLN C 95 30.38 -4.61 19.74
CA GLN C 95 30.99 -3.40 19.19
C GLN C 95 31.30 -3.61 17.72
N ILE C 96 31.43 -2.52 16.95
CA ILE C 96 31.84 -2.59 15.54
C ILE C 96 33.18 -3.35 15.52
N PRO C 97 33.37 -4.40 14.68
CA PRO C 97 34.67 -5.11 14.68
C PRO C 97 35.85 -4.15 14.49
N ALA C 98 36.93 -4.37 15.25
CA ALA C 98 38.15 -3.55 15.20
C ALA C 98 38.76 -3.59 13.80
N GLY C 99 39.01 -2.39 13.25
CA GLY C 99 39.57 -2.21 11.92
C GLY C 99 38.62 -2.58 10.79
N SER C 100 37.30 -2.45 11.06
CA SER C 100 36.23 -2.79 10.11
C SER C 100 36.42 -2.13 8.75
N ILE C 101 36.32 -2.95 7.69
CA ILE C 101 36.46 -2.49 6.32
C ILE C 101 35.09 -2.06 5.76
N GLY C 102 34.05 -2.18 6.57
CA GLY C 102 32.69 -1.89 6.17
C GLY C 102 32.29 -2.80 5.03
N GLY C 103 31.75 -2.21 3.97
CA GLY C 103 31.39 -2.93 2.78
C GLY C 103 30.53 -4.16 3.01
N GLY C 104 30.93 -5.27 2.40
CA GLY C 104 30.22 -6.55 2.49
C GLY C 104 30.09 -7.16 3.88
N THR C 105 30.82 -6.61 4.87
CA THR C 105 30.81 -7.10 6.26
C THR C 105 29.54 -6.63 6.98
N LEU C 106 28.84 -5.63 6.41
CA LEU C 106 27.61 -5.01 6.93
C LEU C 106 27.81 -4.48 8.38
N GLY C 107 29.06 -4.25 8.76
CA GLY C 107 29.43 -3.75 10.09
C GLY C 107 29.33 -4.71 11.26
N VAL C 108 29.13 -6.01 10.97
CA VAL C 108 28.96 -7.02 12.03
C VAL C 108 30.04 -8.11 11.96
N SER C 109 30.85 -8.15 10.88
CA SER C 109 31.84 -9.21 10.73
C SER C 109 33.24 -8.70 10.39
N ASP C 110 34.22 -9.61 10.40
CA ASP C 110 35.60 -9.32 10.03
C ASP C 110 35.72 -9.37 8.49
N THR C 111 36.93 -9.19 7.96
CA THR C 111 37.21 -9.22 6.53
C THR C 111 36.85 -10.58 5.91
N LYS C 112 37.05 -11.69 6.67
CA LYS C 112 36.72 -13.05 6.20
C LYS C 112 35.19 -13.33 6.26
N GLY C 113 34.43 -12.40 6.83
CA GLY C 113 32.97 -12.46 6.94
C GLY C 113 32.43 -13.14 8.17
N ALA C 114 33.29 -13.34 9.18
CA ALA C 114 32.94 -14.01 10.42
C ALA C 114 32.74 -13.03 11.58
N GLY C 115 31.82 -13.38 12.46
CA GLY C 115 31.49 -12.60 13.66
C GLY C 115 30.66 -13.41 14.62
N HIS C 116 30.23 -12.78 15.72
CA HIS C 116 29.38 -13.39 16.72
C HIS C 116 28.03 -12.66 16.71
N PHE C 117 27.08 -13.20 15.92
CA PHE C 117 25.75 -12.58 15.76
C PHE C 117 24.79 -13.52 15.02
N VAL C 118 23.50 -13.21 15.10
CA VAL C 118 22.42 -13.83 14.35
C VAL C 118 21.73 -12.65 13.70
N GLY C 119 21.49 -12.70 12.40
CA GLY C 119 20.88 -11.56 11.74
C GLY C 119 20.04 -11.83 10.52
N VAL C 120 19.30 -10.80 10.11
CA VAL C 120 18.47 -10.77 8.91
C VAL C 120 18.99 -9.60 8.09
N GLU C 121 19.72 -9.90 7.00
CA GLU C 121 20.32 -8.87 6.16
C GLU C 121 19.43 -8.52 4.95
N PHE C 122 19.45 -7.24 4.57
CA PHE C 122 18.78 -6.66 3.41
C PHE C 122 19.93 -6.16 2.57
N ASP C 123 20.55 -7.11 1.84
CA ASP C 123 21.79 -6.91 1.10
C ASP C 123 21.53 -6.44 -0.32
N THR C 124 22.20 -5.32 -0.67
CA THR C 124 22.04 -4.63 -1.96
C THR C 124 23.30 -4.68 -2.87
N TYR C 125 24.30 -5.53 -2.53
CA TYR C 125 25.50 -5.71 -3.34
C TYR C 125 25.93 -7.17 -3.30
N SER C 126 26.37 -7.73 -4.44
CA SER C 126 26.82 -9.10 -4.52
C SER C 126 28.33 -9.22 -4.30
N ASN C 127 28.70 -9.69 -3.10
CA ASN C 127 30.09 -9.95 -2.72
C ASN C 127 30.38 -11.41 -3.00
N SER C 128 31.23 -11.68 -4.00
CA SER C 128 31.64 -13.04 -4.35
C SER C 128 32.42 -13.70 -3.20
N GLU C 129 33.19 -12.87 -2.44
CA GLU C 129 34.01 -13.29 -1.29
C GLU C 129 33.15 -13.85 -0.14
N TYR C 130 31.84 -13.50 -0.10
CA TYR C 130 30.92 -13.99 0.93
C TYR C 130 29.83 -14.90 0.31
N ASN C 131 30.07 -15.36 -0.95
CA ASN C 131 29.21 -16.24 -1.74
C ASN C 131 27.77 -15.70 -1.86
N ASP C 132 27.65 -14.38 -2.02
CA ASP C 132 26.35 -13.69 -2.18
C ASP C 132 25.65 -14.15 -3.45
N PRO C 133 24.30 -14.25 -3.46
CA PRO C 133 23.61 -14.55 -4.72
C PRO C 133 23.77 -13.40 -5.73
N PRO C 134 23.48 -13.59 -7.05
CA PRO C 134 23.76 -12.51 -8.03
C PRO C 134 22.93 -11.22 -7.91
N THR C 135 21.74 -11.25 -7.28
CA THR C 135 20.89 -10.05 -7.15
C THR C 135 20.71 -9.62 -5.71
N ASP C 136 19.95 -8.51 -5.46
CA ASP C 136 19.56 -8.06 -4.12
C ASP C 136 18.87 -9.21 -3.41
N HIS C 137 19.05 -9.34 -2.08
CA HIS C 137 18.47 -10.47 -1.38
C HIS C 137 18.32 -10.23 0.13
N VAL C 138 17.39 -10.98 0.72
CA VAL C 138 17.20 -11.03 2.16
C VAL C 138 17.87 -12.32 2.58
N GLY C 139 18.65 -12.29 3.65
CA GLY C 139 19.34 -13.48 4.13
C GLY C 139 19.29 -13.64 5.64
N ILE C 140 19.35 -14.89 6.12
CA ILE C 140 19.39 -15.27 7.52
C ILE C 140 20.82 -15.70 7.78
N ASP C 141 21.51 -14.91 8.61
CA ASP C 141 22.93 -14.99 8.95
C ASP C 141 23.17 -15.55 10.36
N VAL C 142 24.08 -16.55 10.45
CA VAL C 142 24.46 -17.17 11.73
C VAL C 142 25.99 -17.11 11.80
N ASN C 143 26.51 -16.10 12.53
CA ASN C 143 27.93 -15.85 12.77
C ASN C 143 28.74 -15.64 11.47
N SER C 144 28.05 -15.26 10.39
CA SER C 144 28.69 -15.05 9.10
C SER C 144 27.80 -14.26 8.16
N VAL C 145 28.42 -13.43 7.29
CA VAL C 145 27.72 -12.71 6.23
C VAL C 145 27.62 -13.65 4.99
N ASP C 146 28.15 -14.89 5.10
CA ASP C 146 27.94 -15.93 4.10
C ASP C 146 26.68 -16.60 4.62
N SER C 147 25.52 -16.05 4.23
CA SER C 147 24.19 -16.42 4.72
C SER C 147 23.93 -17.91 4.73
N VAL C 148 23.24 -18.37 5.78
CA VAL C 148 22.80 -19.76 5.92
C VAL C 148 21.77 -19.98 4.79
N LYS C 149 20.98 -18.92 4.49
CA LYS C 149 19.96 -18.96 3.45
C LYS C 149 19.65 -17.57 2.94
N THR C 150 19.28 -17.46 1.65
CA THR C 150 18.87 -16.19 1.02
C THR C 150 17.62 -16.42 0.20
N VAL C 151 16.96 -15.31 -0.12
CA VAL C 151 15.79 -15.27 -1.00
C VAL C 151 15.96 -14.04 -1.90
N PRO C 152 15.74 -14.15 -3.25
CA PRO C 152 15.86 -12.95 -4.10
C PRO C 152 14.88 -11.88 -3.63
N TRP C 153 15.32 -10.63 -3.69
CA TRP C 153 14.55 -9.47 -3.27
C TRP C 153 14.98 -8.30 -4.17
N ASN C 154 14.34 -7.14 -4.04
CA ASN C 154 14.68 -5.97 -4.84
C ASN C 154 14.65 -4.75 -3.95
N SER C 155 15.78 -4.06 -3.80
CA SER C 155 15.84 -2.84 -2.98
C SER C 155 15.51 -1.63 -3.85
N VAL C 156 14.34 -1.05 -3.61
CA VAL C 156 13.83 0.09 -4.38
C VAL C 156 14.24 1.40 -3.68
N SER C 157 15.03 2.21 -4.39
CA SER C 157 15.55 3.49 -3.89
C SER C 157 14.41 4.44 -3.49
N GLY C 158 14.46 4.92 -2.24
CA GLY C 158 13.49 5.85 -1.67
C GLY C 158 12.19 5.23 -1.19
N ALA C 159 12.07 3.90 -1.30
CA ALA C 159 10.85 3.19 -0.87
C ALA C 159 10.91 2.83 0.60
N VAL C 160 9.77 2.97 1.31
CA VAL C 160 9.67 2.57 2.70
C VAL C 160 9.31 1.05 2.68
N VAL C 161 10.15 0.25 3.36
CA VAL C 161 10.03 -1.21 3.45
C VAL C 161 9.58 -1.59 4.88
N LYS C 162 8.60 -2.48 5.00
CA LYS C 162 8.09 -3.00 6.25
C LYS C 162 8.52 -4.43 6.46
N VAL C 163 9.02 -4.74 7.65
CA VAL C 163 9.48 -6.09 7.98
C VAL C 163 8.82 -6.56 9.27
N THR C 164 8.43 -7.82 9.29
CA THR C 164 7.88 -8.47 10.46
C THR C 164 8.69 -9.74 10.66
N VAL C 165 9.11 -9.98 11.90
CA VAL C 165 9.90 -11.13 12.25
C VAL C 165 9.28 -11.86 13.44
N ILE C 166 9.14 -13.17 13.31
CA ILE C 166 8.63 -14.04 14.38
C ILE C 166 9.71 -15.03 14.72
N TYR C 167 10.07 -15.13 15.99
CA TYR C 167 10.92 -16.21 16.43
C TYR C 167 10.11 -17.11 17.35
N ASP C 168 9.90 -18.34 16.92
CA ASP C 168 9.16 -19.32 17.69
C ASP C 168 10.15 -20.24 18.42
N SER C 169 10.27 -20.09 19.75
CA SER C 169 11.28 -20.84 20.52
C SER C 169 11.10 -22.39 20.45
N SER C 170 9.86 -22.93 20.49
CA SER C 170 9.62 -24.39 20.44
C SER C 170 10.20 -25.05 19.16
N THR C 171 9.95 -24.45 17.97
CA THR C 171 10.49 -24.98 16.71
C THR C 171 11.87 -24.37 16.35
N LYS C 172 12.31 -23.35 17.11
CA LYS C 172 13.57 -22.59 16.90
C LYS C 172 13.54 -21.92 15.49
N THR C 173 12.32 -21.59 14.99
CA THR C 173 12.14 -21.01 13.66
C THR C 173 12.13 -19.50 13.71
N LEU C 174 13.00 -18.89 12.90
CA LEU C 174 13.09 -17.47 12.65
C LEU C 174 12.38 -17.23 11.31
N SER C 175 11.19 -16.63 11.35
CA SER C 175 10.39 -16.37 10.14
C SER C 175 10.37 -14.85 9.87
N VAL C 176 10.62 -14.47 8.59
CA VAL C 176 10.72 -13.08 8.15
C VAL C 176 9.74 -12.80 6.99
N ALA C 177 8.94 -11.73 7.08
CA ALA C 177 8.07 -11.26 6.00
C ALA C 177 8.42 -9.80 5.70
N VAL C 178 8.74 -9.52 4.43
CA VAL C 178 9.18 -8.22 3.92
C VAL C 178 8.16 -7.70 2.91
N THR C 179 7.57 -6.52 3.21
CA THR C 179 6.55 -5.91 2.36
C THR C 179 7.16 -4.79 1.56
N ASN C 180 7.23 -5.02 0.22
CA ASN C 180 7.77 -4.14 -0.80
C ASN C 180 6.76 -3.08 -1.25
N ASP C 181 7.29 -2.04 -1.94
CA ASP C 181 6.52 -0.90 -2.45
C ASP C 181 5.63 -1.31 -3.64
N ASN C 182 6.07 -2.30 -4.46
CA ASN C 182 5.29 -2.81 -5.59
C ASN C 182 4.10 -3.74 -5.15
N GLY C 183 3.93 -3.89 -3.83
CA GLY C 183 2.85 -4.66 -3.21
C GLY C 183 3.20 -6.08 -2.79
N ASP C 184 4.14 -6.71 -3.49
CA ASP C 184 4.54 -8.10 -3.23
C ASP C 184 5.13 -8.29 -1.82
N ILE C 185 4.95 -9.51 -1.29
CA ILE C 185 5.54 -9.94 -0.03
C ILE C 185 6.65 -10.92 -0.37
N THR C 186 7.76 -10.85 0.41
CA THR C 186 8.91 -11.74 0.31
C THR C 186 9.04 -12.39 1.67
N THR C 187 9.19 -13.73 1.72
CA THR C 187 9.39 -14.40 3.01
C THR C 187 10.63 -15.24 2.98
N ILE C 188 11.20 -15.47 4.16
CA ILE C 188 12.34 -16.36 4.39
C ILE C 188 12.27 -16.85 5.82
N ALA C 189 12.46 -18.16 6.02
CA ALA C 189 12.45 -18.76 7.34
C ALA C 189 13.59 -19.77 7.46
N GLN C 190 14.15 -19.88 8.67
CA GLN C 190 15.28 -20.76 8.97
C GLN C 190 15.26 -21.16 10.42
N VAL C 191 15.55 -22.44 10.68
CA VAL C 191 15.69 -22.92 12.04
C VAL C 191 17.06 -22.43 12.54
N VAL C 192 17.07 -21.67 13.62
CA VAL C 192 18.27 -21.09 14.27
C VAL C 192 18.11 -21.33 15.76
N ASP C 193 19.03 -22.11 16.34
CA ASP C 193 19.02 -22.40 17.78
C ASP C 193 19.78 -21.29 18.53
N LEU C 194 19.04 -20.33 19.06
CA LEU C 194 19.61 -19.14 19.72
C LEU C 194 20.38 -19.47 20.99
N LYS C 195 19.95 -20.51 21.71
CA LYS C 195 20.62 -20.95 22.90
C LYS C 195 22.03 -21.48 22.52
N ALA C 196 22.13 -22.17 21.38
CA ALA C 196 23.42 -22.74 20.99
C ALA C 196 24.37 -21.68 20.41
N LYS C 197 23.82 -20.65 19.76
CA LYS C 197 24.63 -19.68 19.04
C LYS C 197 24.86 -18.38 19.79
N LEU C 198 24.01 -18.06 20.74
CA LEU C 198 24.15 -16.79 21.44
C LEU C 198 24.17 -16.93 22.95
N PRO C 199 24.69 -15.90 23.69
CA PRO C 199 24.61 -15.97 25.16
C PRO C 199 23.18 -15.74 25.67
N GLU C 200 23.00 -15.98 26.97
CA GLU C 200 21.71 -15.79 27.65
C GLU C 200 21.19 -14.35 27.49
N ARG C 201 22.09 -13.38 27.62
CA ARG C 201 21.77 -11.95 27.50
C ARG C 201 22.33 -11.43 26.19
N VAL C 202 21.46 -10.79 25.40
CA VAL C 202 21.83 -10.29 24.09
C VAL C 202 21.36 -8.86 23.89
N LYS C 203 21.89 -8.24 22.84
CA LYS C 203 21.43 -6.93 22.41
C LYS C 203 20.89 -7.06 21.00
N PHE C 204 19.77 -6.36 20.75
CA PHE C 204 19.13 -6.32 19.44
C PHE C 204 19.40 -4.96 18.80
N GLY C 205 19.55 -4.94 17.48
CA GLY C 205 19.76 -3.72 16.74
C GLY C 205 19.87 -3.82 15.23
N PHE C 206 20.41 -2.71 14.66
CA PHE C 206 20.62 -2.57 13.24
C PHE C 206 22.02 -2.07 12.94
N SER C 207 22.57 -2.53 11.82
CA SER C 207 23.89 -2.12 11.34
C SER C 207 23.85 -1.94 9.83
N ALA C 208 24.64 -1.01 9.30
CA ALA C 208 24.78 -0.75 7.88
C ALA C 208 26.18 -0.27 7.60
N SER C 209 26.67 -0.49 6.38
CA SER C 209 28.02 -0.11 6.02
C SER C 209 28.16 0.26 4.54
N GLY C 210 29.21 1.04 4.27
CA GLY C 210 29.60 1.46 2.93
C GLY C 210 31.05 1.12 2.67
N SER C 211 31.56 1.49 1.50
CA SER C 211 32.96 1.29 1.12
C SER C 211 33.47 2.58 0.46
N LEU C 212 34.55 2.52 -0.37
CA LEU C 212 35.04 3.71 -1.05
C LEU C 212 34.03 4.14 -2.16
N GLY C 213 33.65 3.21 -3.04
CA GLY C 213 32.74 3.44 -4.15
C GLY C 213 31.30 2.99 -3.94
N GLY C 214 31.05 2.27 -2.85
CA GLY C 214 29.72 1.77 -2.51
C GLY C 214 29.10 2.47 -1.34
N ARG C 215 28.26 3.49 -1.62
CA ARG C 215 27.59 4.28 -0.59
C ARG C 215 26.13 4.48 -0.95
N GLN C 216 25.26 4.61 0.09
CA GLN C 216 23.83 4.84 -0.07
C GLN C 216 23.23 5.25 1.29
N ILE C 217 22.09 5.96 1.27
CA ILE C 217 21.39 6.36 2.50
C ILE C 217 20.76 5.09 3.10
N HIS C 218 21.02 4.80 4.39
CA HIS C 218 20.44 3.66 5.12
C HIS C 218 19.66 4.24 6.30
N LEU C 219 18.32 4.17 6.27
CA LEU C 219 17.47 4.75 7.31
C LEU C 219 16.62 3.76 8.09
N ILE C 220 16.55 3.91 9.42
CA ILE C 220 15.67 3.11 10.27
C ILE C 220 14.57 4.09 10.70
N ARG C 221 13.32 3.82 10.31
CA ARG C 221 12.19 4.72 10.58
C ARG C 221 11.42 4.42 11.86
N SER C 222 11.17 3.14 12.14
CA SER C 222 10.40 2.73 13.30
C SER C 222 10.80 1.32 13.72
N TRP C 223 10.50 0.97 14.95
CA TRP C 223 10.82 -0.34 15.51
C TRP C 223 9.97 -0.66 16.73
N SER C 224 9.26 -1.81 16.69
CA SER C 224 8.46 -2.34 17.79
C SER C 224 8.97 -3.74 18.06
N PHE C 225 8.94 -4.15 19.32
CA PHE C 225 9.46 -5.45 19.71
C PHE C 225 8.78 -5.95 20.95
N THR C 226 8.53 -7.27 21.02
CA THR C 226 8.02 -7.96 22.21
C THR C 226 8.65 -9.33 22.28
N SER C 227 9.30 -9.63 23.42
CA SER C 227 9.84 -10.94 23.68
C SER C 227 9.23 -11.44 24.97
N THR C 228 8.99 -12.74 25.07
CA THR C 228 8.47 -13.38 26.29
C THR C 228 9.23 -14.67 26.53
N LEU C 229 9.82 -14.77 27.71
CA LEU C 229 10.51 -15.96 28.21
C LEU C 229 9.75 -16.56 29.42
N ILE C 230 9.38 -17.84 29.29
CA ILE C 230 8.68 -18.58 30.34
C ILE C 230 9.68 -18.80 31.49
N THR C 231 9.28 -18.38 32.70
CA THR C 231 10.13 -18.47 33.90
C THR C 231 9.66 -19.59 34.86
N THR C 232 8.63 -20.38 34.49
CA THR C 232 8.20 -21.52 35.29
C THR C 232 8.68 -22.84 34.65
N ALA D 1 3.30 21.66 -29.45
CA ALA D 1 2.90 22.04 -28.10
C ALA D 1 4.12 22.32 -27.21
N GLU D 2 3.92 23.19 -26.20
CA GLU D 2 4.94 23.60 -25.25
C GLU D 2 4.75 22.85 -23.94
N THR D 3 5.72 21.99 -23.60
CA THR D 3 5.68 21.12 -22.44
C THR D 3 6.86 21.38 -21.49
N VAL D 4 6.55 21.43 -20.18
CA VAL D 4 7.50 21.52 -19.06
C VAL D 4 7.37 20.21 -18.31
N SER D 5 8.48 19.47 -18.18
CA SER D 5 8.47 18.19 -17.51
C SER D 5 9.71 17.99 -16.65
N PHE D 6 9.52 17.47 -15.44
CA PHE D 6 10.62 17.20 -14.53
C PHE D 6 10.23 16.11 -13.54
N ASN D 7 11.23 15.54 -12.87
CA ASN D 7 11.04 14.50 -11.88
C ASN D 7 12.18 14.57 -10.87
N PHE D 8 11.80 14.70 -9.59
CA PHE D 8 12.69 14.71 -8.44
C PHE D 8 12.40 13.51 -7.56
N ASN D 9 13.34 12.58 -7.47
CA ASN D 9 13.23 11.40 -6.59
C ASN D 9 13.86 11.76 -5.25
N SER D 10 14.70 12.80 -5.27
CA SER D 10 15.42 13.38 -4.15
C SER D 10 15.79 14.82 -4.47
N PHE D 11 16.30 15.54 -3.46
CA PHE D 11 16.69 16.93 -3.63
C PHE D 11 18.09 17.16 -3.07
N SER D 12 18.71 18.29 -3.46
CA SER D 12 20.05 18.65 -2.96
C SER D 12 20.25 20.15 -2.94
N GLU D 13 21.07 20.61 -1.98
CA GLU D 13 21.41 22.01 -1.73
C GLU D 13 22.05 22.70 -2.92
N GLY D 14 22.99 22.05 -3.60
CA GLY D 14 23.64 22.64 -4.77
C GLY D 14 22.92 22.39 -6.08
N ASN D 15 21.58 22.59 -6.10
CA ASN D 15 20.78 22.35 -7.30
C ASN D 15 20.15 23.67 -7.74
N PRO D 16 20.64 24.30 -8.84
CA PRO D 16 20.04 25.57 -9.27
C PRO D 16 18.59 25.46 -9.74
N ALA D 17 18.07 24.22 -10.01
CA ALA D 17 16.70 23.96 -10.45
C ALA D 17 15.64 24.27 -9.37
N ILE D 18 16.07 24.50 -8.11
CA ILE D 18 15.16 24.79 -7.02
C ILE D 18 15.56 26.08 -6.28
N ASN D 19 14.59 26.96 -6.10
CA ASN D 19 14.75 28.18 -5.31
C ASN D 19 14.36 27.83 -3.89
N PHE D 20 15.29 28.01 -2.93
CA PHE D 20 15.02 27.76 -1.51
C PHE D 20 14.73 29.07 -0.81
N GLN D 21 13.59 29.14 -0.13
CA GLN D 21 13.15 30.37 0.54
C GLN D 21 12.93 30.15 2.00
N GLY D 22 13.37 31.11 2.80
CA GLY D 22 13.18 31.05 4.25
C GLY D 22 13.96 29.98 4.96
N ASP D 23 13.27 29.24 5.87
CA ASP D 23 13.86 28.23 6.75
C ASP D 23 14.04 26.83 6.14
N VAL D 24 13.81 26.64 4.82
CA VAL D 24 13.97 25.31 4.18
C VAL D 24 15.42 24.84 4.20
N THR D 25 15.60 23.53 4.44
CA THR D 25 16.86 22.82 4.44
C THR D 25 16.70 21.53 3.68
N VAL D 26 17.82 20.98 3.18
CA VAL D 26 17.82 19.68 2.53
C VAL D 26 18.52 18.73 3.51
N LEU D 27 17.85 17.63 3.86
CA LEU D 27 18.42 16.65 4.78
C LEU D 27 19.35 15.72 4.00
N SER D 28 20.25 15.01 4.73
CA SER D 28 21.23 14.10 4.14
C SER D 28 20.55 12.98 3.36
N ASN D 29 19.28 12.65 3.68
CA ASN D 29 18.54 11.61 2.95
C ASN D 29 17.92 12.12 1.63
N GLY D 30 18.07 13.41 1.33
CA GLY D 30 17.55 14.02 0.12
C GLY D 30 16.20 14.68 0.24
N ASN D 31 15.56 14.56 1.43
CA ASN D 31 14.26 15.17 1.72
C ASN D 31 14.40 16.65 1.94
N ILE D 32 13.38 17.40 1.52
CA ILE D 32 13.31 18.81 1.80
C ILE D 32 12.55 18.95 3.12
N GLN D 33 13.11 19.70 4.07
CA GLN D 33 12.46 20.02 5.34
C GLN D 33 12.10 21.48 5.26
N LEU D 34 10.78 21.78 5.30
CA LEU D 34 10.31 23.14 5.06
C LEU D 34 10.41 24.06 6.26
N THR D 35 10.17 23.58 7.50
CA THR D 35 10.24 24.47 8.68
C THR D 35 11.39 24.16 9.64
N ASN D 36 11.84 25.19 10.38
CA ASN D 36 12.89 25.08 11.40
C ASN D 36 12.20 24.85 12.75
N LEU D 37 12.42 23.69 13.34
CA LEU D 37 11.81 23.23 14.60
C LEU D 37 12.20 24.09 15.83
N ASN D 38 13.31 24.86 15.75
CA ASN D 38 13.76 25.68 16.87
C ASN D 38 13.45 27.19 16.70
N LYS D 39 12.72 27.56 15.63
CA LYS D 39 12.37 28.94 15.32
C LYS D 39 10.87 29.24 15.52
N VAL D 40 10.56 30.43 16.07
CA VAL D 40 9.19 30.94 16.25
C VAL D 40 8.69 31.44 14.89
N ASN D 41 7.43 31.14 14.54
CA ASN D 41 6.78 31.55 13.28
C ASN D 41 7.60 31.15 12.05
N SER D 42 8.23 29.96 12.09
CA SER D 42 9.06 29.45 10.99
C SER D 42 8.26 29.35 9.70
N VAL D 43 8.87 29.75 8.58
CA VAL D 43 8.29 29.65 7.24
C VAL D 43 9.40 29.22 6.30
N GLY D 44 9.10 28.21 5.49
CA GLY D 44 10.03 27.69 4.51
C GLY D 44 9.33 27.27 3.25
N ARG D 45 9.88 27.67 2.10
CA ARG D 45 9.27 27.34 0.80
C ARG D 45 10.32 26.88 -0.20
N VAL D 46 9.90 26.02 -1.13
CA VAL D 46 10.73 25.59 -2.26
C VAL D 46 9.96 25.90 -3.56
N LEU D 47 10.67 26.30 -4.60
CA LEU D 47 10.04 26.58 -5.89
C LEU D 47 10.85 25.96 -7.00
N TYR D 48 10.16 25.46 -8.07
CA TYR D 48 10.86 25.00 -9.26
C TYR D 48 11.36 26.29 -9.90
N ALA D 49 12.70 26.45 -10.00
CA ALA D 49 13.33 27.72 -10.39
C ALA D 49 12.91 28.23 -11.77
N MET D 50 12.51 27.34 -12.72
CA MET D 50 12.07 27.82 -14.03
C MET D 50 10.61 28.27 -14.03
N PRO D 51 10.30 29.51 -14.47
CA PRO D 51 8.88 29.90 -14.59
C PRO D 51 8.20 29.05 -15.66
N VAL D 52 6.94 28.70 -15.39
CA VAL D 52 6.13 27.91 -16.27
C VAL D 52 5.06 28.80 -16.90
N ARG D 53 4.98 28.79 -18.24
CA ARG D 53 3.97 29.54 -18.99
C ARG D 53 2.68 28.71 -18.97
N ILE D 54 1.74 29.08 -18.07
CA ILE D 54 0.45 28.39 -17.86
C ILE D 54 -0.62 28.90 -18.81
N TRP D 55 -0.39 30.08 -19.41
CA TRP D 55 -1.29 30.61 -20.43
C TRP D 55 -0.55 31.53 -21.37
N SER D 56 -1.07 31.63 -22.60
CA SER D 56 -0.51 32.44 -23.67
C SER D 56 -1.40 33.61 -23.94
N SER D 57 -0.82 34.81 -23.96
CA SER D 57 -1.57 36.04 -24.22
C SER D 57 -1.88 36.17 -25.72
N ALA D 58 -1.09 35.49 -26.58
CA ALA D 58 -1.26 35.50 -28.02
C ALA D 58 -2.48 34.67 -28.46
N THR D 59 -2.57 33.38 -28.03
CA THR D 59 -3.64 32.46 -28.42
C THR D 59 -4.83 32.41 -27.46
N GLY D 60 -4.60 32.78 -26.19
CA GLY D 60 -5.59 32.68 -25.14
C GLY D 60 -5.67 31.28 -24.55
N ASN D 61 -4.77 30.36 -25.02
CA ASN D 61 -4.73 28.96 -24.56
C ASN D 61 -4.22 28.85 -23.14
N VAL D 62 -4.75 27.85 -22.40
CA VAL D 62 -4.39 27.60 -20.99
C VAL D 62 -3.84 26.19 -20.92
N ALA D 63 -2.74 26.01 -20.16
CA ALA D 63 -2.11 24.72 -20.07
C ALA D 63 -2.90 23.81 -19.18
N SER D 64 -2.78 22.51 -19.44
CA SER D 64 -3.25 21.46 -18.56
C SER D 64 -2.01 20.97 -17.84
N PHE D 65 -2.15 20.36 -16.65
CA PHE D 65 -0.99 19.78 -16.00
C PHE D 65 -1.35 18.56 -15.17
N LEU D 66 -0.35 17.71 -14.98
CA LEU D 66 -0.40 16.52 -14.14
C LEU D 66 0.79 16.56 -13.23
N THR D 67 0.57 16.44 -11.93
CA THR D 67 1.68 16.47 -11.00
C THR D 67 1.44 15.49 -9.87
N SER D 68 2.52 14.85 -9.44
CA SER D 68 2.50 13.94 -8.30
C SER D 68 3.63 14.27 -7.34
N PHE D 69 3.34 14.21 -6.05
CA PHE D 69 4.33 14.46 -5.01
C PHE D 69 4.02 13.62 -3.79
N SER D 70 5.04 13.45 -2.95
CA SER D 70 4.92 12.71 -1.71
C SER D 70 5.52 13.54 -0.59
N PHE D 71 4.86 13.52 0.56
CA PHE D 71 5.26 14.28 1.73
C PHE D 71 5.08 13.46 2.99
N GLU D 72 5.63 14.00 4.08
CA GLU D 72 5.51 13.43 5.41
C GLU D 72 5.46 14.55 6.45
N MET D 73 4.51 14.47 7.36
CA MET D 73 4.39 15.35 8.52
C MET D 73 4.56 14.50 9.75
N LYS D 74 5.44 14.91 10.67
CA LYS D 74 5.67 14.13 11.88
C LYS D 74 5.63 15.03 13.11
N ASP D 75 4.94 14.55 14.16
CA ASP D 75 4.83 15.25 15.44
C ASP D 75 6.18 15.35 16.11
N ILE D 76 6.40 16.42 16.87
CA ILE D 76 7.64 16.57 17.63
C ILE D 76 7.23 16.81 19.08
N LYS D 77 7.99 16.24 20.04
CA LYS D 77 7.72 16.36 21.47
C LYS D 77 7.37 17.81 21.89
N ASP D 78 6.32 17.95 22.73
CA ASP D 78 5.82 19.17 23.39
C ASP D 78 5.08 20.17 22.46
N TYR D 79 5.45 20.29 21.19
CA TYR D 79 4.74 21.24 20.32
C TYR D 79 3.49 20.65 19.70
N ASP D 80 2.50 21.51 19.47
CA ASP D 80 1.21 21.20 18.84
C ASP D 80 1.48 20.92 17.34
N PRO D 81 1.16 19.72 16.80
CA PRO D 81 1.49 19.43 15.38
C PRO D 81 0.78 20.39 14.44
N ALA D 82 1.53 21.40 13.93
CA ALA D 82 0.99 22.44 13.04
C ALA D 82 2.15 23.08 12.20
N ASP D 83 1.85 23.78 11.07
CA ASP D 83 0.53 24.14 10.61
C ASP D 83 0.04 23.43 9.36
N GLY D 84 0.96 22.79 8.65
CA GLY D 84 0.64 22.05 7.44
C GLY D 84 1.43 22.51 6.23
N ILE D 85 1.22 21.81 5.12
CA ILE D 85 1.92 22.06 3.85
C ILE D 85 0.91 22.55 2.81
N ILE D 86 1.36 23.46 1.93
CA ILE D 86 0.55 23.90 0.81
C ILE D 86 1.39 23.76 -0.49
N PHE D 87 0.78 23.10 -1.49
CA PHE D 87 1.31 22.97 -2.83
C PHE D 87 0.74 24.17 -3.53
N PHE D 88 1.59 25.11 -3.98
CA PHE D 88 1.04 26.34 -4.51
C PHE D 88 1.68 26.76 -5.86
N ILE D 89 0.97 27.70 -6.50
CA ILE D 89 1.20 28.30 -7.79
C ILE D 89 1.15 29.80 -7.58
N ALA D 90 2.18 30.53 -7.98
CA ALA D 90 2.16 31.97 -7.72
C ALA D 90 2.93 32.78 -8.78
N PRO D 91 2.82 34.14 -8.83
CA PRO D 91 3.65 34.91 -9.78
C PRO D 91 5.13 34.59 -9.63
N GLU D 92 5.89 34.71 -10.73
CA GLU D 92 7.28 34.29 -10.74
C GLU D 92 8.16 35.05 -9.73
N ASP D 93 7.75 36.24 -9.27
CA ASP D 93 8.50 37.02 -8.27
C ASP D 93 8.10 36.64 -6.83
N THR D 94 7.32 35.58 -6.64
CA THR D 94 6.81 35.19 -5.32
C THR D 94 7.92 35.03 -4.26
N GLN D 95 7.66 35.62 -3.09
CA GLN D 95 8.52 35.56 -1.90
C GLN D 95 7.63 35.34 -0.67
N ILE D 96 8.22 34.87 0.43
CA ILE D 96 7.52 34.76 1.70
C ILE D 96 6.95 36.15 2.05
N PRO D 97 5.64 36.30 2.38
CA PRO D 97 5.12 37.66 2.69
C PRO D 97 5.97 38.37 3.77
N ALA D 98 6.17 39.69 3.57
CA ALA D 98 6.97 40.50 4.50
C ALA D 98 6.32 40.51 5.91
N GLY D 99 7.13 40.19 6.93
CA GLY D 99 6.73 40.12 8.33
C GLY D 99 5.79 38.97 8.64
N SER D 100 5.89 37.87 7.86
CA SER D 100 5.07 36.67 7.96
C SER D 100 4.97 36.15 9.38
N ILE D 101 3.73 35.93 9.86
CA ILE D 101 3.50 35.40 11.20
C ILE D 101 3.50 33.85 11.15
N GLY D 102 3.79 33.28 9.96
CA GLY D 102 3.75 31.83 9.78
C GLY D 102 2.39 31.27 10.20
N GLY D 103 2.41 30.24 11.01
CA GLY D 103 1.18 29.63 11.52
C GLY D 103 0.14 29.30 10.46
N GLY D 104 -1.09 29.77 10.64
CA GLY D 104 -2.23 29.52 9.76
C GLY D 104 -2.12 30.11 8.36
N THR D 105 -1.17 31.04 8.16
CA THR D 105 -0.98 31.66 6.84
C THR D 105 -0.31 30.67 5.87
N LEU D 106 0.28 29.58 6.41
CA LEU D 106 0.97 28.50 5.67
C LEU D 106 2.15 29.06 4.82
N GLY D 107 2.62 30.27 5.18
CA GLY D 107 3.71 30.93 4.48
C GLY D 107 3.40 31.54 3.12
N VAL D 108 2.13 31.63 2.76
CA VAL D 108 1.73 32.15 1.46
C VAL D 108 0.84 33.38 1.57
N SER D 109 0.37 33.71 2.78
CA SER D 109 -0.55 34.84 2.94
C SER D 109 -0.16 35.83 4.05
N ASP D 110 -0.87 36.97 4.11
CA ASP D 110 -0.69 37.97 5.16
C ASP D 110 -1.48 37.52 6.42
N THR D 111 -1.48 38.36 7.47
CA THR D 111 -2.18 38.07 8.73
C THR D 111 -3.69 37.89 8.51
N LYS D 112 -4.30 38.63 7.57
CA LYS D 112 -5.72 38.55 7.24
C LYS D 112 -6.04 37.30 6.39
N GLY D 113 -5.00 36.58 5.96
CA GLY D 113 -5.12 35.34 5.18
C GLY D 113 -5.16 35.51 3.68
N ALA D 114 -4.81 36.71 3.19
CA ALA D 114 -4.81 37.05 1.77
C ALA D 114 -3.42 37.02 1.16
N GLY D 115 -3.37 36.63 -0.11
CA GLY D 115 -2.15 36.57 -0.90
C GLY D 115 -2.46 36.42 -2.37
N HIS D 116 -1.41 36.27 -3.17
CA HIS D 116 -1.52 36.06 -4.61
C HIS D 116 -0.99 34.66 -4.92
N PHE D 117 -1.90 33.68 -4.96
CA PHE D 117 -1.56 32.28 -5.19
C PHE D 117 -2.79 31.41 -5.42
N VAL D 118 -2.57 30.22 -5.97
CA VAL D 118 -3.58 29.16 -6.09
C VAL D 118 -2.90 27.97 -5.43
N GLY D 119 -3.59 27.29 -4.52
CA GLY D 119 -2.95 26.17 -3.84
C GLY D 119 -3.84 25.04 -3.38
N VAL D 120 -3.20 23.93 -3.00
CA VAL D 120 -3.81 22.74 -2.40
C VAL D 120 -3.13 22.57 -1.04
N GLU D 121 -3.85 22.93 0.03
CA GLU D 121 -3.32 22.86 1.39
C GLU D 121 -3.66 21.50 2.06
N PHE D 122 -2.74 21.03 2.93
CA PHE D 122 -2.83 19.83 3.78
C PHE D 122 -2.70 20.41 5.17
N ASP D 123 -3.83 20.96 5.69
CA ASP D 123 -3.89 21.79 6.89
C ASP D 123 -4.17 20.94 8.13
N THR D 124 -3.26 20.99 9.12
CA THR D 124 -3.31 20.17 10.33
C THR D 124 -3.69 20.96 11.61
N TYR D 125 -4.18 22.18 11.48
CA TYR D 125 -4.60 23.00 12.62
C TYR D 125 -5.80 23.85 12.23
N SER D 126 -6.83 23.89 13.12
CA SER D 126 -8.07 24.63 12.90
C SER D 126 -7.96 26.10 13.35
N ASN D 127 -7.73 27.01 12.37
CA ASN D 127 -7.67 28.48 12.57
C ASN D 127 -9.07 29.07 12.34
N SER D 128 -9.76 29.51 13.41
CA SER D 128 -11.09 30.12 13.34
C SER D 128 -11.06 31.41 12.50
N GLU D 129 -9.94 32.17 12.57
CA GLU D 129 -9.71 33.43 11.86
C GLU D 129 -9.71 33.23 10.33
N TYR D 130 -9.48 32.00 9.85
CA TYR D 130 -9.49 31.70 8.42
C TYR D 130 -10.65 30.75 8.05
N ASN D 131 -11.62 30.61 8.98
CA ASN D 131 -12.84 29.79 8.85
C ASN D 131 -12.51 28.33 8.49
N ASP D 132 -11.44 27.80 9.10
CA ASP D 132 -11.03 26.41 8.92
C ASP D 132 -12.10 25.45 9.42
N PRO D 133 -12.30 24.27 8.76
CA PRO D 133 -13.22 23.28 9.34
C PRO D 133 -12.66 22.74 10.68
N PRO D 134 -13.46 22.02 11.53
CA PRO D 134 -12.93 21.63 12.85
C PRO D 134 -11.82 20.57 12.88
N THR D 135 -11.64 19.77 11.82
CA THR D 135 -10.59 18.72 11.80
C THR D 135 -9.52 19.00 10.75
N ASP D 136 -8.51 18.09 10.62
CA ASP D 136 -7.50 18.12 9.55
C ASP D 136 -8.23 18.06 8.23
N HIS D 137 -7.68 18.75 7.21
CA HIS D 137 -8.38 18.84 5.94
C HIS D 137 -7.47 19.13 4.77
N VAL D 138 -7.99 18.84 3.58
CA VAL D 138 -7.35 19.21 2.31
C VAL D 138 -8.23 20.32 1.78
N GLY D 139 -7.62 21.43 1.33
CA GLY D 139 -8.35 22.58 0.81
C GLY D 139 -7.82 23.10 -0.51
N ILE D 140 -8.72 23.67 -1.33
CA ILE D 140 -8.40 24.32 -2.61
C ILE D 140 -8.50 25.82 -2.34
N ASP D 141 -7.33 26.49 -2.38
CA ASP D 141 -7.15 27.90 -2.04
C ASP D 141 -6.96 28.78 -3.25
N VAL D 142 -7.70 29.90 -3.29
CA VAL D 142 -7.62 30.89 -4.35
C VAL D 142 -7.41 32.25 -3.70
N ASN D 143 -6.14 32.71 -3.66
CA ASN D 143 -5.70 34.00 -3.10
C ASN D 143 -6.06 34.17 -1.61
N SER D 144 -6.28 33.04 -0.90
CA SER D 144 -6.68 33.06 0.49
C SER D 144 -6.50 31.71 1.13
N VAL D 145 -6.14 31.71 2.42
CA VAL D 145 -6.09 30.48 3.23
C VAL D 145 -7.51 30.20 3.79
N ASP D 146 -8.51 31.05 3.46
CA ASP D 146 -9.92 30.77 3.74
C ASP D 146 -10.34 30.03 2.48
N SER D 147 -10.15 28.71 2.48
CA SER D 147 -10.33 27.83 1.32
C SER D 147 -11.66 28.02 0.61
N VAL D 148 -11.62 27.94 -0.72
CA VAL D 148 -12.81 27.96 -1.57
C VAL D 148 -13.63 26.67 -1.21
N LYS D 149 -12.93 25.57 -0.93
CA LYS D 149 -13.54 24.30 -0.55
C LYS D 149 -12.55 23.45 0.23
N THR D 150 -13.06 22.60 1.14
CA THR D 150 -12.27 21.66 1.93
C THR D 150 -12.97 20.30 1.95
N VAL D 151 -12.21 19.28 2.33
CA VAL D 151 -12.66 17.92 2.54
C VAL D 151 -11.99 17.41 3.81
N PRO D 152 -12.72 16.74 4.74
CA PRO D 152 -12.06 16.20 5.93
C PRO D 152 -10.98 15.19 5.53
N TRP D 153 -9.88 15.20 6.28
CA TRP D 153 -8.73 14.35 6.03
C TRP D 153 -8.08 14.09 7.40
N ASN D 154 -7.06 13.26 7.45
CA ASN D 154 -6.38 12.94 8.70
C ASN D 154 -4.91 12.91 8.45
N SER D 155 -4.13 13.77 9.15
CA SER D 155 -2.69 13.78 9.00
C SER D 155 -2.06 12.82 10.01
N VAL D 156 -1.57 11.69 9.51
CA VAL D 156 -0.96 10.63 10.33
C VAL D 156 0.54 10.92 10.50
N SER D 157 0.95 11.12 11.75
CA SER D 157 2.35 11.41 12.11
C SER D 157 3.29 10.29 11.63
N GLY D 158 4.31 10.67 10.85
CA GLY D 158 5.32 9.75 10.34
C GLY D 158 4.92 8.95 9.11
N ALA D 159 3.72 9.20 8.60
CA ALA D 159 3.21 8.50 7.42
C ALA D 159 3.59 9.21 6.14
N VAL D 160 3.97 8.43 5.12
CA VAL D 160 4.28 8.96 3.79
C VAL D 160 2.93 9.06 3.06
N VAL D 161 2.62 10.26 2.57
CA VAL D 161 1.37 10.59 1.87
C VAL D 161 1.68 10.85 0.38
N LYS D 162 0.89 10.27 -0.53
CA LYS D 162 1.03 10.45 -1.98
C LYS D 162 -0.12 11.30 -2.50
N VAL D 163 0.19 12.26 -3.38
CA VAL D 163 -0.83 13.16 -3.95
C VAL D 163 -0.69 13.18 -5.45
N THR D 164 -1.79 13.14 -6.16
CA THR D 164 -1.86 13.27 -7.61
C THR D 164 -2.83 14.44 -7.90
N VAL D 165 -2.39 15.37 -8.75
CA VAL D 165 -3.18 16.53 -9.10
C VAL D 165 -3.30 16.63 -10.61
N ILE D 166 -4.53 16.85 -11.09
CA ILE D 166 -4.81 17.07 -12.51
C ILE D 166 -5.46 18.43 -12.65
N TYR D 167 -4.94 19.23 -13.57
CA TYR D 167 -5.63 20.45 -13.95
C TYR D 167 -6.04 20.32 -15.41
N ASP D 168 -7.35 20.31 -15.65
CA ASP D 168 -7.89 20.22 -16.98
C ASP D 168 -8.27 21.64 -17.45
N SER D 169 -7.50 22.22 -18.39
CA SER D 169 -7.71 23.61 -18.83
C SER D 169 -9.10 23.87 -19.46
N SER D 170 -9.67 22.94 -20.26
CA SER D 170 -10.98 23.16 -20.90
C SER D 170 -12.13 23.37 -19.89
N THR D 171 -12.21 22.53 -18.85
CA THR D 171 -13.26 22.66 -17.83
C THR D 171 -12.79 23.55 -16.65
N LYS D 172 -11.50 23.95 -16.65
CA LYS D 172 -10.87 24.74 -15.57
C LYS D 172 -10.95 24.01 -14.22
N THR D 173 -10.92 22.66 -14.28
CA THR D 173 -11.05 21.83 -13.08
C THR D 173 -9.73 21.40 -12.52
N LEU D 174 -9.54 21.70 -11.23
CA LEU D 174 -8.42 21.26 -10.42
C LEU D 174 -8.90 20.03 -9.61
N SER D 175 -8.37 18.83 -9.93
CA SER D 175 -8.76 17.59 -9.23
C SER D 175 -7.57 17.07 -8.44
N VAL D 176 -7.81 16.66 -7.19
CA VAL D 176 -6.78 16.20 -6.24
C VAL D 176 -7.17 14.83 -5.65
N ALA D 177 -6.23 13.88 -5.68
CA ALA D 177 -6.39 12.55 -5.05
C ALA D 177 -5.22 12.35 -4.08
N VAL D 178 -5.55 12.13 -2.80
CA VAL D 178 -4.59 11.97 -1.69
C VAL D 178 -4.67 10.53 -1.17
N THR D 179 -3.54 9.80 -1.24
CA THR D 179 -3.46 8.41 -0.82
C THR D 179 -2.82 8.34 0.54
N ASN D 180 -3.64 7.96 1.54
CA ASN D 180 -3.28 7.81 2.94
C ASN D 180 -2.58 6.45 3.21
N ASP D 181 -1.94 6.36 4.38
CA ASP D 181 -1.19 5.19 4.88
C ASP D 181 -2.12 4.00 5.11
N ASN D 182 -3.36 4.24 5.61
CA ASN D 182 -4.36 3.19 5.86
C ASN D 182 -5.01 2.63 4.56
N GLY D 183 -4.55 3.13 3.40
CA GLY D 183 -5.00 2.69 2.08
C GLY D 183 -6.08 3.53 1.41
N ASP D 184 -6.91 4.23 2.19
CA ASP D 184 -8.01 5.05 1.71
C ASP D 184 -7.54 6.21 0.81
N ILE D 185 -8.37 6.58 -0.14
CA ILE D 185 -8.15 7.74 -0.99
C ILE D 185 -9.14 8.83 -0.57
N THR D 186 -8.66 10.07 -0.60
CA THR D 186 -9.41 11.30 -0.30
C THR D 186 -9.35 12.12 -1.57
N THR D 187 -10.47 12.62 -2.06
CA THR D 187 -10.46 13.46 -3.26
C THR D 187 -11.15 14.78 -2.99
N ILE D 188 -10.78 15.78 -3.78
CA ILE D 188 -11.40 17.10 -3.77
C ILE D 188 -11.14 17.71 -5.15
N ALA D 189 -12.20 18.29 -5.73
CA ALA D 189 -12.10 18.97 -7.02
C ALA D 189 -12.86 20.29 -6.98
N GLN D 190 -12.34 21.29 -7.71
CA GLN D 190 -12.91 22.64 -7.76
C GLN D 190 -12.57 23.31 -9.09
N VAL D 191 -13.54 24.01 -9.66
CA VAL D 191 -13.30 24.81 -10.87
C VAL D 191 -12.53 26.06 -10.40
N VAL D 192 -11.34 26.27 -10.94
CA VAL D 192 -10.43 27.42 -10.68
C VAL D 192 -9.94 27.89 -12.04
N ASP D 193 -10.28 29.15 -12.40
CA ASP D 193 -9.84 29.75 -13.66
C ASP D 193 -8.40 30.32 -13.49
N LEU D 194 -7.40 29.50 -13.84
CA LEU D 194 -5.99 29.83 -13.68
C LEU D 194 -5.60 31.06 -14.52
N LYS D 195 -6.17 31.19 -15.71
CA LYS D 195 -5.94 32.34 -16.60
C LYS D 195 -6.43 33.66 -15.96
N ALA D 196 -7.49 33.61 -15.15
CA ALA D 196 -8.07 34.80 -14.51
C ALA D 196 -7.40 35.15 -13.19
N LYS D 197 -6.80 34.15 -12.49
CA LYS D 197 -6.26 34.41 -11.16
C LYS D 197 -4.73 34.59 -11.12
N LEU D 198 -4.02 34.07 -12.12
CA LEU D 198 -2.58 34.08 -12.14
C LEU D 198 -1.97 34.72 -13.41
N PRO D 199 -0.70 35.23 -13.36
CA PRO D 199 -0.07 35.77 -14.59
C PRO D 199 0.35 34.68 -15.60
N GLU D 200 0.78 35.11 -16.83
CA GLU D 200 1.20 34.23 -17.95
C GLU D 200 2.21 33.18 -17.50
N ARG D 201 3.27 33.63 -16.81
CA ARG D 201 4.33 32.77 -16.24
C ARG D 201 4.16 32.77 -14.75
N VAL D 202 4.26 31.57 -14.14
CA VAL D 202 4.10 31.32 -12.71
C VAL D 202 5.21 30.41 -12.20
N LYS D 203 5.31 30.30 -10.87
CA LYS D 203 6.22 29.34 -10.26
C LYS D 203 5.39 28.39 -9.43
N PHE D 204 5.77 27.13 -9.46
CA PHE D 204 5.16 26.06 -8.70
C PHE D 204 6.07 25.70 -7.54
N GLY D 205 5.48 25.32 -6.42
CA GLY D 205 6.29 24.90 -5.29
C GLY D 205 5.51 24.39 -4.09
N PHE D 206 6.18 24.43 -2.93
CA PHE D 206 5.63 24.00 -1.63
C PHE D 206 6.01 24.98 -0.54
N SER D 207 5.12 25.18 0.43
CA SER D 207 5.34 26.04 1.58
C SER D 207 4.78 25.38 2.84
N ALA D 208 5.40 25.66 3.98
CA ALA D 208 4.92 25.17 5.28
C ALA D 208 5.32 26.18 6.33
N SER D 209 4.61 26.20 7.45
CA SER D 209 4.87 27.15 8.52
C SER D 209 4.52 26.60 9.90
N GLY D 210 4.97 27.34 10.92
CA GLY D 210 4.68 27.05 12.32
C GLY D 210 4.49 28.33 13.09
N SER D 211 4.18 28.24 14.39
CA SER D 211 4.04 29.41 15.25
C SER D 211 4.99 29.27 16.42
N LEU D 212 4.70 29.90 17.57
CA LEU D 212 5.52 29.76 18.78
C LEU D 212 5.31 28.34 19.37
N GLY D 213 4.05 27.93 19.49
CA GLY D 213 3.67 26.62 20.03
C GLY D 213 3.32 25.55 19.02
N GLY D 214 2.96 25.96 17.81
CA GLY D 214 2.59 25.03 16.75
C GLY D 214 3.76 24.71 15.85
N ARG D 215 4.36 23.52 16.00
CA ARG D 215 5.49 23.12 15.17
C ARG D 215 5.48 21.63 14.93
N GLN D 216 5.97 21.21 13.76
CA GLN D 216 6.05 19.80 13.38
C GLN D 216 7.02 19.63 12.23
N ILE D 217 7.44 18.38 11.98
CA ILE D 217 8.29 18.11 10.82
C ILE D 217 7.41 18.18 9.54
N HIS D 218 7.84 18.98 8.53
CA HIS D 218 7.17 19.08 7.23
C HIS D 218 8.19 18.68 6.18
N LEU D 219 8.03 17.49 5.58
CA LEU D 219 8.98 16.98 4.59
C LEU D 219 8.40 16.80 3.18
N ILE D 220 9.14 17.21 2.14
CA ILE D 220 8.80 16.95 0.75
C ILE D 220 9.78 15.87 0.27
N ARG D 221 9.27 14.71 -0.08
CA ARG D 221 10.09 13.55 -0.46
C ARG D 221 10.36 13.40 -1.95
N SER D 222 9.36 13.65 -2.79
CA SER D 222 9.49 13.51 -4.23
C SER D 222 8.49 14.41 -4.93
N TRP D 223 8.74 14.70 -6.22
CA TRP D 223 7.88 15.57 -7.02
C TRP D 223 8.13 15.36 -8.51
N SER D 224 7.06 15.01 -9.25
CA SER D 224 7.06 14.87 -10.70
C SER D 224 5.99 15.82 -11.23
N PHE D 225 6.23 16.41 -12.38
CA PHE D 225 5.32 17.39 -12.96
C PHE D 225 5.42 17.38 -14.48
N THR D 226 4.29 17.57 -15.15
CA THR D 226 4.19 17.75 -16.58
C THR D 226 3.08 18.74 -16.88
N SER D 227 3.39 19.81 -17.60
CA SER D 227 2.41 20.75 -18.09
C SER D 227 2.54 20.81 -19.60
N THR D 228 1.43 21.00 -20.30
CA THR D 228 1.41 21.08 -21.77
C THR D 228 0.44 22.16 -22.15
N LEU D 229 0.95 23.13 -22.90
CA LEU D 229 0.19 24.24 -23.45
C LEU D 229 0.20 24.08 -24.97
N ILE D 230 -1.00 24.10 -25.57
CA ILE D 230 -1.18 23.99 -27.02
C ILE D 230 -0.76 25.33 -27.64
N THR D 231 0.14 25.29 -28.63
CA THR D 231 0.67 26.50 -29.25
C THR D 231 0.08 26.73 -30.68
N THR D 232 -1.14 26.22 -30.96
CA THR D 232 -1.80 26.47 -32.24
C THR D 232 -3.26 26.96 -32.04
C1 WA3 E . -14.96 -0.24 -40.62
N1 WA3 E . -22.48 4.66 -45.04
S1 WA3 E . -15.91 -1.47 -41.53
C2 WA3 E . -15.38 -0.21 -39.15
N2 WA3 E . -22.00 4.08 -43.92
O2 WA3 E . -16.74 0.18 -39.02
S2 WA3 E . -18.25 2.88 -46.03
C3 WA3 E . -14.51 0.77 -38.36
N3 WA3 E . -21.07 3.22 -44.30
O3 WA3 E . -14.85 0.71 -36.99
S3 WA3 E . -36.13 5.95 -39.79
C4 WA3 E . -13.03 0.47 -38.59
N4 WA3 E . -32.11 4.51 -41.94
O4 WA3 E . -12.65 -0.77 -38.00
S4 WA3 E . -42.30 6.88 -38.35
C5 WA3 E . -12.76 0.49 -40.09
N5 WA3 E . -32.09 5.34 -40.87
O5 WA3 E . -13.57 -0.51 -40.74
C6 WA3 E . -11.33 0.21 -40.48
N6 WA3 E . -33.33 5.46 -40.47
O6 WA3 E . -11.06 0.66 -41.81
C7 WA3 E . -15.80 -0.81 -43.22
C8 WA3 E . -16.00 -1.89 -44.28
O8 WA3 E . -15.06 -2.94 -44.09
C9 WA3 E . -15.84 -1.25 -45.65
O9 WA3 E . -16.04 -2.22 -46.69
C10 WA3 E . -16.80 -0.08 -45.83
O10 WA3 E . -16.49 0.60 -47.04
C11 WA3 E . -16.70 0.91 -44.66
O11 WA3 E . -16.77 0.23 -43.40
C12 WA3 E . -17.88 1.85 -44.58
C13 WA3 E . -19.96 2.45 -46.41
C14 WA3 E . -20.96 3.25 -45.65
C15 WA3 E . -21.86 4.16 -46.13
C16 WA3 E . -23.49 5.63 -45.16
C17 WA3 E . -24.92 5.19 -44.82
O17 WA3 E . -25.67 6.41 -44.86
C18 WA3 E . -25.40 4.22 -45.90
O18 WA3 E . -24.71 2.97 -45.79
C19 WA3 E . -26.89 3.98 -45.75
O19 WA3 E . -27.37 3.15 -46.80
C20 WA3 E . -27.65 5.31 -45.72
O20 WA3 E . -29.03 5.10 -45.48
C21 WA3 E . -27.06 6.23 -44.65
O21 WA3 E . -27.28 5.65 -43.38
C22 WA3 E . -28.23 6.30 -42.56
C23 WA3 E . -27.83 6.12 -41.11
O23 WA3 E . -26.51 6.61 -40.89
C24 WA3 E . -27.94 4.66 -40.71
O24 WA3 E . -27.68 4.51 -39.32
C25 WA3 E . -29.32 4.11 -41.04
O25 WA3 E . -29.36 2.71 -40.79
C26 WA3 E . -29.65 4.39 -42.50
O26 WA3 E . -29.53 5.79 -42.79
C27 WA3 E . -31.08 4.02 -42.72
C28 WA3 E . -33.38 4.14 -42.24
C29 WA3 E . -34.14 4.76 -41.30
C30 WA3 E . -35.63 4.87 -41.15
C31 WA3 E . -37.79 6.48 -40.26
C32 WA3 E . -38.50 7.45 -39.32
O32 WA3 E . -39.79 6.85 -39.12
C33 WA3 E . -37.82 7.69 -37.97
O33 WA3 E . -36.60 8.40 -38.18
C34 WA3 E . -38.73 8.52 -37.06
O34 WA3 E . -38.16 8.61 -35.76
C35 WA3 E . -40.11 7.89 -36.96
O35 WA3 E . -40.96 8.75 -36.20
C36 WA3 E . -40.68 7.67 -38.37
C37 WA3 E . -43.35 8.23 -37.77
C38 WA3 E . -44.67 8.31 -38.54
O38 WA3 E . -44.42 8.44 -39.94
C39 WA3 E . -45.46 9.51 -38.05
O39 WA3 E . -46.71 9.59 -38.73
C40 WA3 E . -45.66 9.46 -36.53
O40 WA3 E . -46.61 8.44 -36.21
C41 WA3 E . -44.32 9.23 -35.84
O41 WA3 E . -43.60 8.11 -36.38
C42 WA3 E . -44.29 9.25 -34.33
O42 WA3 E . -45.53 8.85 -33.73
HC1 WA3 E . -15.19 0.72 -41.08
HC2 WA3 E . -15.24 -1.20 -38.73
HO2 WA3 E . -17.23 -0.17 -39.82
HC3 WA3 E . -14.72 1.77 -38.72
HO3 WA3 E . -14.69 -0.23 -36.71
HC4 WA3 E . -12.45 1.27 -38.12
HO4 WA3 E . -12.48 -1.43 -38.73
HC5 WA3 E . -13.03 1.46 -40.51
HC6B WA3 E . -10.63 0.64 -39.77
HC6A WA3 E . -11.13 -0.86 -40.51
HO6 WA3 E . -10.51 -0.02 -42.27
HC7 WA3 E . -14.80 -0.39 -43.30
HC8 WA3 E . -17.00 -2.29 -44.19
HO8 WA3 E . -15.10 -3.59 -44.84
HC9 WA3 E . -14.83 -0.87 -45.75
HO9 WA3 E . -16.63 -2.94 -46.35
HC10 WA3 E . -17.82 -0.45 -45.88
HO10 WA3 E . -16.37 -0.09 -47.75
HC11 WA3 E . -15.77 1.49 -44.73
H12A WA3 E . -17.78 2.47 -43.69
H12B WA3 E . -18.79 1.27 -44.42
H13B WA3 E . -20.14 1.38 -46.24
H13A WA3 E . -20.11 2.61 -47.47
HC15 WA3 E . -22.08 4.46 -47.16
HC17 WA3 E . -25.01 4.74 -43.83
HC18 WA3 E . -25.22 4.64 -46.89
HO18 WA3 E . -25.09 2.35 -46.47
HC19 WA3 E . -27.06 3.47 -44.81
HO19 WA3 E . -28.22 3.53 -47.14
HC20 WA3 E . -27.55 5.79 -46.71
HO20 WA3 E . -29.49 5.98 -45.47
HC21 WA3 E . -27.40 7.24 -44.88
HC22 WA3 E . -28.28 7.35 -42.89
HC23 WA3 E . -28.50 6.71 -40.48
HO23 WA3 E . -26.54 7.59 -40.82
HC24 WA3 E . -27.17 4.05 -41.19
HO24 WA3 E . -28.28 5.13 -38.81
HC25 WA3 E . -30.01 4.61 -40.36
HO25 WA3 E . -30.18 2.54 -40.26
HC26 WA3 E . -29.15 3.73 -43.21
HC28 WA3 E . -33.67 3.54 -43.10
H30B WA3 E . -36.04 3.89 -40.88
H30A WA3 E . -36.08 5.15 -42.09
H31A WA3 E . -38.41 5.60 -40.42
H31B WA3 E . -37.65 6.94 -41.24
HC32 WA3 E . -38.60 8.39 -39.84
HC33 WA3 E . -37.62 6.75 -37.47
HO33 WA3 E . -36.54 9.15 -37.54
HC34 WA3 E . -38.82 9.52 -37.48
HO34 WA3 E . -38.79 9.14 -35.21
HC35 WA3 E . -40.02 6.93 -36.46
HO35 WA3 E . -40.97 9.64 -36.64
HC36 WA3 E . -40.79 8.62 -38.88
HC37 WA3 E . -42.79 9.15 -37.98
HC38 WA3 E . -45.25 7.41 -38.35
HO38 WA3 E . -45.26 8.71 -40.38
HC39 WA3 E . -44.89 10.42 -38.27
HO39 WA3 E . -47.44 9.56 -38.06
HC40 WA3 E . -46.04 10.43 -36.21
HO40 WA3 E . -47.36 8.90 -35.77
HC41 WA3 E . -44.87 8.34 -35.54
H42A WA3 E . -44.14 10.26 -33.97
H42B WA3 E . -43.47 8.67 -33.93
HO42 WA3 E . -45.97 9.64 -33.35
MN MN F . -14.70 8.03 -30.58
CA CA G . -13.99 5.23 -33.61
C1 WA3 H . -20.99 -28.49 24.79
N1 WA3 H . -19.60 -37.96 27.08
S1 WA3 H . -22.58 -29.32 24.53
C2 WA3 H . -20.22 -28.35 23.47
N2 WA3 H . -19.47 -36.95 26.21
O2 WA3 H . -19.93 -29.63 22.92
S2 WA3 H . -21.41 -34.09 29.05
C3 WA3 H . -18.93 -27.58 23.67
N3 WA3 H . -20.36 -36.04 26.55
O3 WA3 H . -18.28 -27.39 22.42
S3 WA3 H . -14.72 -45.29 38.85
C4 WA3 H . -19.18 -26.26 24.40
N4 WA3 H . -16.27 -43.53 34.90
O4 WA3 H . -19.91 -25.35 23.59
S4 WA3 H . -13.37 -47.52 44.75
C5 WA3 H . -19.93 -26.57 25.70
N5 WA3 H . -16.51 -44.82 34.54
O5 WA3 H . -21.18 -27.22 25.40
C6 WA3 H . -20.26 -25.35 26.54
N6 WA3 H . -16.56 -45.52 35.64
O6 WA3 H . -20.57 -25.73 27.89
C7 WA3 H . -22.91 -29.97 26.19
C8 WA3 H . -24.40 -30.21 26.44
O8 WA3 H . -25.14 -29.02 26.24
C9 WA3 H . -24.59 -30.69 27.86
O9 WA3 H . -25.96 -30.96 28.13
C10 WA3 H . -23.72 -31.92 28.15
O10 WA3 H . -23.76 -32.22 29.54
C11 WA3 H . -22.26 -31.67 27.75
O11 WA3 H . -22.17 -31.15 26.41
C12 WA3 H . -21.46 -32.96 27.64
C13 WA3 H . -22.07 -35.64 28.35
C14 WA3 H . -21.03 -36.46 27.65
C15 WA3 H . -20.57 -37.70 27.99
C16 WA3 H . -18.76 -39.09 27.11
C17 WA3 H . -18.18 -39.53 28.45
O17 WA3 H . -17.48 -40.74 28.16
C18 WA3 H . -17.20 -38.47 28.97
O18 WA3 H . -17.89 -37.29 29.34
C19 WA3 H . -16.44 -39.02 30.16
O19 WA3 H . -15.47 -38.06 30.59
C20 WA3 H . -15.78 -40.35 29.83
O20 WA3 H . -15.17 -40.89 30.99
C21 WA3 H . -16.82 -41.32 29.28
O21 WA3 H . -17.77 -41.61 30.28
C22 WA3 H . -17.71 -42.92 30.82
C23 WA3 H . -19.12 -43.34 31.23
O23 WA3 H . -20.02 -43.23 30.12
C24 WA3 H . -19.61 -42.48 32.39
O24 WA3 H . -20.88 -42.93 32.84
C25 WA3 H . -18.61 -42.50 33.53
O25 WA3 H . -19.01 -41.58 34.54
C26 WA3 H . -17.23 -42.12 33.00
O26 WA3 H . -16.83 -42.98 31.93
C27 WA3 H . -16.22 -42.38 34.12
C28 WA3 H . -16.16 -43.44 36.25
C29 WA3 H . -16.36 -44.70 36.72
C30 WA3 H . -16.38 -45.17 38.13
C31 WA3 H . -14.99 -45.25 40.65
C32 WA3 H . -13.74 -45.22 41.52
O32 WA3 H . -13.94 -46.26 42.48
C33 WA3 H . -12.41 -45.41 40.77
O33 WA3 H . -12.15 -44.28 39.94
C34 WA3 H . -11.25 -45.58 41.75
O34 WA3 H . -10.07 -45.93 41.04
C35 WA3 H . -11.56 -46.64 42.80
O35 WA3 H . -10.50 -46.68 43.74
C36 WA3 H . -12.92 -46.32 43.47
C37 WA3 H . -12.17 -47.13 46.07
C38 WA3 H . -12.81 -47.13 47.46
O38 WA3 H . -13.90 -46.20 47.50
C39 WA3 H . -11.74 -46.73 48.48
O39 WA3 H . -12.29 -46.74 49.80
C40 WA3 H . -10.53 -47.64 48.38
O40 WA3 H . -10.85 -48.93 48.89
C41 WA3 H . -10.04 -47.71 46.93
O41 WA3 H . -11.09 -48.05 46.01
C42 WA3 H . -8.77 -48.48 46.66
O42 WA3 H . -8.54 -49.55 47.57
HC1 WA3 H . -20.45 -29.14 25.47
HC2 WA3 H . -20.85 -27.79 22.77
HO2 WA3 H . -20.63 -30.27 23.22
HC3 WA3 H . -18.28 -28.19 24.29
HO3 WA3 H . -18.94 -26.86 21.88
HC4 WA3 H . -18.22 -25.82 24.65
HO4 WA3 H . -20.84 -25.27 23.93
HC5 WA3 H . -19.33 -27.23 26.32
HC6B WA3 H . -19.48 -24.60 26.50
HC6A WA3 H . -21.18 -24.88 26.18
HO6 WA3 H . -21.36 -25.22 28.19
HC7 WA3 H . -22.56 -29.18 26.88
HC8 WA3 H . -24.73 -30.98 25.75
HO8 WA3 H . -26.10 -29.21 26.44
HC9 WA3 H . -24.26 -29.90 28.55
HO9 WA3 H . -26.41 -31.25 27.30
HC10 WA3 H . -24.11 -32.77 27.59
HO10 WA3 H . -24.70 -32.16 29.85
HC11 WA3 H . -21.77 -31.02 28.48
H12A WA3 H . -20.45 -32.71 27.30
H12B WA3 H . -21.90 -33.55 26.84
H13B WA3 H . -22.89 -35.42 27.67
H13A WA3 H . -22.49 -36.20 29.18
HC15 WA3 H . -20.89 -38.38 28.77
HC17 WA3 H . -18.95 -39.71 29.19
HC18 WA3 H . -16.48 -38.22 28.19
HO18 WA3 H . -17.24 -36.65 29.74
HC19 WA3 H . -17.16 -39.17 30.98
HO19 WA3 H . -14.63 -38.55 30.82
HC20 WA3 H . -15.01 -40.18 29.08
HO20 WA3 H . -14.75 -41.77 30.75
HC21 WA3 H . -16.27 -42.11 28.78
HC22 WA3 H . -17.26 -43.56 30.07
HC23 WA3 H . -19.10 -44.38 31.54
HO23 WA3 H . -19.89 -44.01 29.52
HC24 WA3 H . -19.79 -41.45 32.09
HO24 WA3 H . -20.81 -43.91 33.02
HC25 WA3 H . -18.63 -43.51 33.93
HO25 WA3 H . -18.99 -42.07 35.40
HC26 WA3 H . -17.09 -41.05 32.82
HC28 WA3 H . -15.96 -42.50 36.78
H30B WA3 H . -16.75 -46.19 38.17
H30A WA3 H . -17.03 -44.57 38.75
H31A WA3 H . -15.61 -46.09 40.92
H31B WA3 H . -15.59 -44.36 40.83
HC32 WA3 H . -13.71 -44.25 42.03
HC33 WA3 H . -12.46 -46.33 40.17
HO33 WA3 H . -11.23 -43.97 40.07
HC34 WA3 H . -11.09 -44.62 42.25
HO34 WA3 H . -9.35 -46.05 41.72
HC35 WA3 H . -11.63 -47.61 42.31
HO35 WA3 H . -10.40 -45.76 44.11
HC36 WA3 H . -12.84 -45.36 43.97
HC37 WA3 H . -11.83 -46.12 45.86
HC38 WA3 H . -13.16 -48.13 47.70
HO38 WA3 H . -14.12 -46.04 48.46
HC39 WA3 H . -11.40 -45.72 48.26
HO39 WA3 H . -11.78 -47.39 50.35
HC40 WA3 H . -9.72 -47.21 48.98
HO40 WA3 H . -10.24 -49.10 49.66
HC41 WA3 H . -10.30 -48.76 47.12
H42A WA3 H . -7.89 -47.83 46.77
H42B WA3 H . -8.74 -48.84 45.63
HO42 WA3 H . -7.78 -49.31 48.17
MN MN I . -8.83 -26.94 20.32
CA CA J . -12.72 -26.60 21.85
C1 WA3 K . 33.56 -3.10 -3.01
N1 WA3 K . 39.09 -10.66 -6.39
S1 WA3 K . 35.30 -2.59 -2.87
C2 WA3 K . 33.05 -3.67 -1.68
N2 WA3 K . 38.36 -10.11 -5.40
O2 WA3 K . 33.77 -4.86 -1.33
S2 WA3 K . 37.31 -6.52 -7.90
C3 WA3 K . 31.57 -4.02 -1.78
N3 WA3 K . 38.23 -8.83 -5.69
O3 WA3 K . 31.10 -4.44 -0.51
S3 WA3 K . 47.58 -19.07 2.28
C4 WA3 K . 30.76 -2.84 -2.33
N4 WA3 K . 44.61 -16.81 -0.40
O4 WA3 K . 30.74 -1.77 -1.38
S4 WA3 K . 51.37 -21.69 6.81
C5 WA3 K . 31.39 -2.38 -3.64
N5 WA3 K . 43.88 -17.94 -0.35
O5 WA3 K . 32.77 -2.01 -3.44
C6 WA3 K . 30.71 -1.19 -4.29
N6 WA3 K . 44.27 -18.61 0.71
O6 WA3 K . 31.05 -1.09 -5.66
C7 WA3 K . 35.83 -2.73 -4.60
C8 WA3 K . 37.05 -1.85 -4.88
O8 WA3 K . 36.78 -0.50 -4.52
C9 WA3 K . 37.40 -1.97 -6.36
O9 WA3 K . 38.55 -1.20 -6.70
C10 WA3 K . 37.59 -3.41 -6.77
O10 WA3 K . 37.70 -3.51 -8.19
C11 WA3 K . 36.42 -4.29 -6.33
O11 WA3 K . 36.11 -4.08 -4.95
C12 WA3 K . 36.76 -5.77 -6.35
C13 WA3 K . 38.93 -7.21 -7.47
C14 WA3 K . 38.88 -8.57 -6.86
C15 WA3 K . 39.43 -9.73 -7.32
C16 WA3 K . 39.51 -12.00 -6.53
C17 WA3 K . 40.55 -12.52 -5.54
O17 WA3 K . 40.66 -13.91 -5.89
C18 WA3 K . 41.88 -11.81 -5.82
O18 WA3 K . 41.79 -10.45 -5.39
C19 WA3 K . 43.00 -12.52 -5.07
O19 WA3 K . 44.26 -11.90 -5.37
C20 WA3 K . 43.03 -14.00 -5.42
O20 WA3 K . 44.02 -14.68 -4.66
C21 WA3 K . 41.65 -14.62 -5.17
O21 WA3 K . 41.37 -14.56 -3.79
C22 WA3 K . 41.38 -15.80 -3.11
C23 WA3 K . 40.37 -15.73 -1.96
O23 WA3 K . 39.09 -15.36 -2.43
C24 WA3 K . 40.86 -14.74 -0.91
O24 WA3 K . 39.99 -14.77 0.22
C25 WA3 K . 42.27 -15.08 -0.47
O25 WA3 K . 42.76 -14.08 0.42
C26 WA3 K . 43.18 -15.15 -1.70
O26 WA3 K . 42.67 -16.11 -2.63
C27 WA3 K . 44.52 -15.71 -1.23
C28 WA3 K . 45.49 -16.77 0.64
C29 WA3 K . 45.25 -17.91 1.34
C30 WA3 K . 45.93 -18.40 2.58
C31 WA3 K . 48.41 -19.00 3.89
C32 WA3 K . 49.88 -19.39 3.91
O32 WA3 K . 49.99 -20.31 5.01
C33 WA3 K . 50.42 -20.04 2.63
O33 WA3 K . 50.45 -19.06 1.58
C34 WA3 K . 51.83 -20.57 2.85
O34 WA3 K . 52.25 -21.31 1.71
C35 WA3 K . 51.90 -21.46 4.08
O35 WA3 K . 53.26 -21.83 4.31
C36 WA3 K . 51.32 -20.71 5.29
C37 WA3 K . 53.13 -21.69 7.21
C38 WA3 K . 53.41 -21.47 8.69
O38 WA3 K . 52.82 -20.27 9.13
C39 WA3 K . 54.92 -21.42 8.90
O39 WA3 K . 55.23 -21.25 10.29
C40 WA3 K . 55.60 -22.67 8.34
O40 WA3 K . 55.31 -23.80 9.17
C41 WA3 K . 55.15 -22.91 6.90
O41 WA3 K . 53.72 -22.91 6.75
C42 WA3 K . 55.81 -24.04 6.14
O42 WA3 K . 56.24 -25.12 6.98
HC1 WA3 K . 33.56 -3.89 -3.77
HC2 WA3 K . 33.17 -2.92 -0.92
HO2 WA3 K . 34.70 -4.76 -1.66
HC3 WA3 K . 31.46 -4.84 -2.48
HO3 WA3 K . 31.26 -3.67 0.10
HC4 WA3 K . 29.76 -3.17 -2.52
HO4 WA3 K . 31.32 -1.03 -1.70
HC5 WA3 K . 31.37 -3.20 -4.35
HC6B WA3 K . 29.63 -1.21 -4.14
HC6A WA3 K . 31.08 -0.26 -3.87
HO6 WA3 K . 31.23 -0.13 -5.89
HC7 WA3 K . 34.99 -2.37 -5.18
HC8 WA3 K . 37.89 -2.23 -4.30
HO8 WA3 K . 37.59 0.03 -4.74
HC9 WA3 K . 36.56 -1.56 -6.94
HO9 WA3 K . 39.10 -1.07 -5.89
HC10 WA3 K . 38.51 -3.78 -6.31
HO10 WA3 K . 38.26 -2.76 -8.52
HC11 WA3 K . 35.54 -4.11 -6.95
H12A WA3 K . 35.91 -6.33 -5.97
H12B WA3 K . 37.58 -5.95 -5.65
H13B WA3 K . 39.46 -6.53 -6.81
H13A WA3 K . 39.54 -7.23 -8.38
HC15 WA3 K . 40.00 -9.93 -8.21
HC17 WA3 K . 40.28 -12.43 -4.50
HC18 WA3 K . 42.13 -11.83 -6.87
HO18 WA3 K . 42.69 -10.04 -5.51
HC19 WA3 K . 42.82 -12.41 -4.00
HO19 WA3 K . 44.93 -12.61 -5.53
HC20 WA3 K . 43.29 -14.11 -6.46
HO20 WA3 K . 44.01 -15.63 -4.92
HC21 WA3 K . 41.63 -15.57 -5.72
HC22 WA3 K . 41.15 -16.56 -3.85
HC23 WA3 K . 40.29 -16.73 -1.51
HO23 WA3 K . 38.66 -16.17 -2.84
HC24 WA3 K . 40.81 -13.72 -1.27
HO24 WA3 K . 39.89 -15.71 0.53
HC25 WA3 K . 42.22 -16.02 0.05
HO25 WA3 K . 43.15 -14.55 1.20
HC26 WA3 K . 43.45 -14.19 -2.12
HC28 WA3 K . 46.19 -15.96 0.83
H30B WA3 K . 45.36 -19.25 2.98
H30A WA3 K . 45.94 -17.63 3.35
H31A WA3 K . 47.84 -19.60 4.60
H31B WA3 K . 48.30 -17.97 4.21
HC32 WA3 K . 50.45 -18.49 4.12
HC33 WA3 K . 49.79 -20.88 2.35
HO33 WA3 K . 51.32 -19.10 1.13
HC34 WA3 K . 52.49 -19.72 2.98
HO34 WA3 K . 53.16 -21.65 1.90
HC35 WA3 K . 51.31 -22.35 3.90
HO35 WA3 K . 53.79 -20.99 4.38
HC36 WA3 K . 51.92 -19.81 5.49
HC37 WA3 K . 53.55 -20.85 6.66
HC38 WA3 K . 53.01 -22.32 9.25
HO38 WA3 K . 53.20 -20.03 10.02
HC39 WA3 K . 55.33 -20.57 8.36
HO39 WA3 K . 55.78 -22.01 10.59
HC40 WA3 K . 56.68 -22.50 8.34
HO40 WA3 K . 56.18 -24.12 9.53
HC41 WA3 K . 54.79 -23.81 7.38
H42A WA3 K . 56.71 -23.69 5.65
H42B WA3 K . 55.16 -24.41 5.34
HO42 WA3 K . 57.23 -25.11 7.02
MN MN L . 24.44 -11.26 1.41
CA CA M . 26.95 -8.21 -0.14
C1 WA3 N . -1.49 29.65 16.96
N1 WA3 N . -9.26 35.63 19.25
S1 WA3 N . -0.78 31.07 17.82
C2 WA3 N . -1.41 29.82 15.43
N2 WA3 N . -8.37 35.26 18.31
O2 WA3 N . -2.17 30.95 15.00
S2 WA3 N . -6.34 32.52 21.17
C3 WA3 N . -1.93 28.57 14.73
N3 WA3 N . -7.31 34.80 18.94
O3 WA3 N . -1.76 28.69 13.33
S3 WA3 N . -12.14 48.49 12.91
C4 WA3 N . -1.25 27.32 15.27
N4 WA3 N . -11.72 44.23 14.51
O4 WA3 N . 0.13 27.30 14.90
S4 WA3 N . -11.98 54.30 10.10
C5 WA3 N . -1.41 27.28 16.79
N5 WA3 N . -12.72 43.91 13.67
O5 WA3 N . -0.84 28.46 17.37
C6 WA3 N . -0.78 26.09 17.46
N6 WA3 N . -12.75 44.85 12.74
O6 WA3 N . -1.27 25.89 18.77
C7 WA3 N . -1.68 31.02 19.39
C8 WA3 N . -0.90 31.69 20.52
O8 WA3 N . 0.38 31.06 20.68
C9 WA3 N . -1.72 31.57 21.80
O9 WA3 N . -1.05 32.22 22.89
C10 WA3 N . -3.12 32.14 21.63
O10 WA3 N . -3.89 31.83 22.78
C11 WA3 N . -3.80 31.55 20.39
O11 WA3 N . -2.95 31.64 19.23
C12 WA3 N . -5.02 32.36 19.95
C13 WA3 N . -6.56 34.32 21.29
C14 WA3 N . -7.52 34.86 20.28
C15 WA3 N . -8.76 35.39 20.49
C16 WA3 N . -10.55 36.21 19.09
C17 WA3 N . -10.60 37.64 18.56
O17 WA3 N . -11.98 37.91 18.32
C18 WA3 N . -10.05 38.56 19.65
O18 WA3 N . -8.65 38.39 19.83
C19 WA3 N . -10.32 40.02 19.27
O19 WA3 N . -9.89 40.88 20.32
C20 WA3 N . -11.79 40.23 18.96
O20 WA3 N . -12.01 41.57 18.52
C21 WA3 N . -12.26 39.23 17.91
O21 WA3 N . -11.59 39.50 16.69
C22 WA3 N . -12.37 40.07 15.66
C23 WA3 N . -11.83 39.58 14.31
O23 WA3 N . -11.82 38.16 14.27
C24 WA3 N . -10.43 40.14 14.08
O24 WA3 N . -9.98 39.77 12.78
C25 WA3 N . -10.42 41.65 14.24
O25 WA3 N . -9.07 42.13 14.16
C26 WA3 N . -11.04 42.04 15.58
O26 WA3 N . -12.35 41.47 15.71
C27 WA3 N . -11.21 43.55 15.59
C28 WA3 N . -11.11 45.38 14.12
C29 WA3 N . -11.76 45.75 12.99
C30 WA3 N . -11.53 46.96 12.15
C31 WA3 N . -11.24 49.82 12.07
C32 WA3 N . -11.45 51.24 12.58
O32 WA3 N . -11.73 52.01 11.41
C33 WA3 N . -12.58 51.41 13.60
O33 WA3 N . -12.22 50.76 14.82
C34 WA3 N . -12.84 52.89 13.89
O34 WA3 N . -14.00 53.02 14.71
C35 WA3 N . -13.02 53.67 12.60
O35 WA3 N . -13.13 55.05 12.92
C36 WA3 N . -11.84 53.41 11.67
C37 WA3 N . -11.66 56.01 10.61
C38 WA3 N . -10.75 56.75 9.63
O38 WA3 N . -9.53 56.04 9.47
C39 WA3 N . -10.47 58.15 10.19
O39 WA3 N . -9.65 58.87 9.27
C40 WA3 N . -11.77 58.90 10.46
O40 WA3 N . -12.40 59.27 9.23
C41 WA3 N . -12.69 58.02 11.32
O41 WA3 N . -12.88 56.70 10.78
C42 WA3 N . -13.99 58.64 11.80
O42 WA3 N . -14.51 59.64 10.92
HC1 WA3 N . -2.54 29.63 17.27
HC2 WA3 N . -0.37 29.95 15.15
HO2 WA3 N . -2.11 31.65 15.70
HC3 WA3 N . -3.00 28.49 14.94
HO3 WA3 N . -0.79 28.79 13.19
HC4 WA3 N . -1.74 26.45 14.85
HO4 WA3 N . 0.69 27.46 15.71
HC5 WA3 N . -2.48 27.28 17.04
HC6B WA3 N . -0.86 25.19 16.86
HC6A WA3 N . 0.29 26.26 17.64
HO6 WA3 N . -0.52 25.64 19.38
HC7 WA3 N . -1.80 29.96 19.62
HC8 WA3 N . -0.78 32.75 20.28
HO8 WA3 N . 0.82 31.41 21.51
HC9 WA3 N . -1.82 30.51 22.06
HO9 WA3 N . -0.46 32.94 22.54
HC10 WA3 N . -3.07 33.22 21.50
HO10 WA3 N . -3.34 32.05 23.58
HC11 WA3 N . -4.10 30.51 20.56
H12A WA3 N . -5.39 31.98 19.01
H12B WA3 N . -4.71 33.38 19.72
H13B WA3 N . -5.60 34.83 21.19
H13A WA3 N . -6.93 34.56 22.29
HC15 WA3 N . -9.29 35.59 21.42
HC17 WA3 N . -10.05 37.77 17.63
HC18 WA3 N . -10.56 38.36 20.59
HO18 WA3 N . -8.36 39.05 20.51
HC19 WA3 N . -9.72 40.24 18.39
HO19 WA3 N . -10.59 41.57 20.48
HC20 WA3 N . -12.37 40.08 19.88
HO20 WA3 N . -12.97 41.69 18.33
HC21 WA3 N . -13.35 39.23 17.96
HC22 WA3 N . -13.40 39.79 15.85
HC23 WA3 N . -12.49 39.94 13.53
HO23 WA3 N . -12.74 37.84 14.08
HC24 WA3 N . -9.70 39.70 14.76
HO24 WA3 N . -10.66 40.05 12.11
HC25 WA3 N . -10.99 42.05 13.40
HO25 WA3 N . -9.09 42.89 13.52
HC26 WA3 N . -10.38 41.88 16.43
HC28 WA3 N . -10.27 45.84 14.63
H30B WA3 N . -12.10 46.87 11.23
H30A WA3 N . -10.48 47.06 11.88
H31A WA3 N . -11.47 49.77 11.00
H31B WA3 N . -10.19 49.55 12.15
HC32 WA3 N . -10.52 51.57 13.03
HC33 WA3 N . -13.51 50.98 13.21
HO33 WA3 N . -12.42 51.35 15.58
HC34 WA3 N . -11.97 53.27 14.43
HO34 WA3 N . -14.12 53.99 14.85
HC35 WA3 N . -13.93 53.34 12.12
HO35 WA3 N . -12.33 55.32 13.44
HC36 WA3 N . -10.92 53.75 12.13
HC37 WA3 N . -11.14 55.93 11.56
HC38 WA3 N . -11.25 56.85 8.68
HO38 WA3 N . -8.87 56.65 9.01
HC39 WA3 N . -9.94 58.06 11.13
HO39 WA3 N . -10.13 59.69 8.99
HC40 WA3 N . -11.53 59.79 11.03
HO40 WA3 N . -12.44 60.26 9.22
HC41 WA3 N . -13.30 58.14 10.42
H42A WA3 N . -13.84 59.16 12.75
H42B WA3 N . -14.74 57.88 12.00
HO42 WA3 N . -14.39 60.53 11.34
MN MN O . -7.39 25.29 6.08
CA CA P . -5.07 25.93 9.43
#